data_7H7S
#
_entry.id   7H7S
#
_cell.length_a   87.316
_cell.length_b   87.316
_cell.length_c   85.172
_cell.angle_alpha   90.00
_cell.angle_beta   90.00
_cell.angle_gamma   120.00
#
_symmetry.space_group_name_H-M   'P 31'
#
loop_
_entity.id
_entity.type
_entity.pdbx_description
1 polymer 'Non-structural protein 3'
2 non-polymer 'DIMETHYL SULFOXIDE'
3 non-polymer 2-AMINO-2-HYDROXYMETHYL-PROPANE-1,3-DIOL
4 non-polymer 'CHLORIDE ION'
5 non-polymer ~{N}-(4-hydroxyphenyl)-2-methoxy-ethanamide
6 water water
#
_entity_poly.entity_id   1
_entity_poly.type   'polypeptide(L)'
_entity_poly.pdbx_seq_one_letter_code
;GAMAPSYRVKRMDIAKNDEECVVNAANPRGLPGDGVCKAVYKKWPESFKNSATPVGTAKTVMCGTYPVIHAVGPNFSNYT
ESEGDRELAAAYREVAKEVTRLGVNSVAIPLLSTGVYSGGKDRLTQSLNHLFTAMDSTDADVVIYCRDKEWEKKISEAIQ
MRT
;
_entity_poly.pdbx_strand_id   A,B,C,D
#
loop_
_chem_comp.id
_chem_comp.type
_chem_comp.name
_chem_comp.formula
CL non-polymer 'CHLORIDE ION' 'Cl -1'
DMS non-polymer 'DIMETHYL SULFOXIDE' 'C2 H6 O S'
GT4 non-polymer ~{N}-(4-hydroxyphenyl)-2-methoxy-ethanamide 'C9 H11 N O3'
TRS non-polymer 2-AMINO-2-HYDROXYMETHYL-PROPANE-1,3-DIOL 'C4 H12 N O3 1'
#
# COMPACT_ATOMS: atom_id res chain seq x y z
N GLY A 1 -21.17 0.77 -12.72
CA GLY A 1 -20.77 0.28 -14.09
C GLY A 1 -19.93 1.30 -14.82
N ALA A 2 -19.22 0.89 -15.88
CA ALA A 2 -18.54 1.80 -16.81
C ALA A 2 -19.59 2.49 -17.70
N MET A 3 -19.40 3.76 -18.10
CA MET A 3 -20.41 4.49 -18.93
C MET A 3 -20.62 3.77 -20.27
N ALA A 4 -19.57 3.15 -20.80
CA ALA A 4 -19.63 2.46 -22.11
C ALA A 4 -18.75 1.22 -22.04
N PRO A 5 -19.28 0.17 -21.40
CA PRO A 5 -18.44 -0.98 -21.07
C PRO A 5 -17.70 -1.50 -22.30
N SER A 6 -16.40 -1.75 -22.17
CA SER A 6 -15.48 -2.09 -23.28
C SER A 6 -14.69 -3.33 -22.92
N TYR A 7 -14.11 -3.94 -23.93
CA TYR A 7 -12.99 -4.90 -23.86
C TYR A 7 -11.76 -4.30 -24.47
N ARG A 8 -10.63 -4.47 -23.82
CA ARG A 8 -9.32 -4.08 -24.35
C ARG A 8 -8.35 -5.20 -24.09
N VAL A 9 -7.21 -5.17 -24.78
CA VAL A 9 -6.14 -6.12 -24.51
C VAL A 9 -4.82 -5.38 -24.42
N LYS A 10 -3.99 -5.77 -23.44
CA LYS A 10 -2.63 -5.23 -23.31
C LYS A 10 -1.64 -6.36 -23.16
N ARG A 11 -0.47 -6.19 -23.74
CA ARG A 11 0.61 -7.15 -23.66
C ARG A 11 1.63 -6.67 -22.64
N MET A 12 1.48 -7.16 -21.42
CA MET A 12 2.33 -6.75 -20.28
C MET A 12 1.92 -7.61 -19.08
N ASP A 13 2.71 -7.50 -18.05
CA ASP A 13 2.51 -8.18 -16.75
C ASP A 13 1.23 -7.65 -16.07
N ILE A 14 0.27 -8.54 -15.83
CA ILE A 14 -1.01 -8.19 -15.14
C ILE A 14 -0.74 -7.65 -13.74
N ALA A 15 0.42 -7.93 -13.13
CA ALA A 15 0.79 -7.27 -11.86
C ALA A 15 0.93 -5.75 -11.98
N LYS A 16 1.01 -5.18 -13.17
CA LYS A 16 1.19 -3.72 -13.41
C LYS A 16 -0.16 -3.15 -13.89
N ASN A 17 -1.29 -3.85 -13.71
CA ASN A 17 -2.58 -3.43 -14.31
C ASN A 17 -3.07 -2.08 -13.74
N ASP A 18 -3.94 -1.43 -14.47
CA ASP A 18 -4.58 -0.13 -14.14
C ASP A 18 -6.07 -0.28 -13.91
N GLU A 19 -6.50 -1.44 -13.40
CA GLU A 19 -7.90 -1.76 -13.17
C GLU A 19 -8.21 -1.85 -11.68
N GLU A 20 -9.47 -1.90 -11.36
CA GLU A 20 -9.93 -1.83 -9.94
C GLU A 20 -9.77 -3.15 -9.24
N CYS A 21 -9.60 -4.24 -9.98
CA CYS A 21 -9.37 -5.57 -9.38
C CYS A 21 -8.67 -6.46 -10.39
N VAL A 22 -8.14 -7.57 -9.96
CA VAL A 22 -7.41 -8.51 -10.81
C VAL A 22 -7.97 -9.89 -10.65
N VAL A 23 -7.94 -10.65 -11.74
CA VAL A 23 -8.20 -12.09 -11.75
C VAL A 23 -6.88 -12.82 -11.80
N ASN A 24 -6.69 -13.67 -10.81
CA ASN A 24 -5.53 -14.58 -10.81
C ASN A 24 -5.87 -15.88 -11.51
N ALA A 25 -5.00 -16.37 -12.38
CA ALA A 25 -5.09 -17.72 -12.96
C ALA A 25 -4.51 -18.68 -11.90
N ALA A 26 -5.32 -18.96 -10.92
CA ALA A 26 -4.90 -19.66 -9.70
C ALA A 26 -4.84 -21.18 -9.86
N ASN A 27 -4.13 -21.80 -8.93
CA ASN A 27 -4.21 -23.25 -8.74
C ASN A 27 -5.21 -23.54 -7.63
N PRO A 28 -5.72 -24.77 -7.53
CA PRO A 28 -6.75 -25.04 -6.53
C PRO A 28 -6.30 -24.98 -5.06
N ARG A 29 -4.99 -25.03 -4.85
CA ARG A 29 -4.43 -25.16 -3.49
C ARG A 29 -3.97 -23.83 -2.97
N GLY A 30 -4.13 -22.72 -3.72
CA GLY A 30 -3.69 -21.43 -3.20
C GLY A 30 -2.20 -21.33 -3.10
N LEU A 31 -1.46 -22.09 -3.90
CA LEU A 31 0.02 -22.05 -3.92
C LEU A 31 0.53 -20.94 -4.81
N PRO A 32 1.75 -20.40 -4.59
CA PRO A 32 2.30 -19.36 -5.45
C PRO A 32 2.35 -19.71 -6.93
N GLY A 33 2.56 -20.98 -7.24
CA GLY A 33 2.46 -21.42 -8.64
C GLY A 33 3.53 -20.89 -9.57
N ASP A 34 3.18 -20.71 -10.83
CA ASP A 34 4.07 -20.30 -11.95
C ASP A 34 3.34 -19.27 -12.81
N GLY A 35 4.02 -18.60 -13.72
CA GLY A 35 3.38 -17.69 -14.68
C GLY A 35 2.64 -16.55 -14.00
N VAL A 36 1.43 -16.26 -14.49
CA VAL A 36 0.56 -15.19 -13.93
C VAL A 36 0.43 -15.39 -12.42
N CYS A 37 0.18 -16.63 -11.96
CA CYS A 37 -0.06 -16.91 -10.54
C CYS A 37 1.15 -16.42 -9.73
N LYS A 38 2.36 -16.73 -10.21
CA LYS A 38 3.57 -16.31 -9.45
C LYS A 38 3.71 -14.78 -9.44
N ALA A 39 3.37 -14.14 -10.54
CA ALA A 39 3.43 -12.66 -10.61
C ALA A 39 2.45 -12.06 -9.60
N VAL A 40 1.26 -12.64 -9.52
CA VAL A 40 0.18 -12.21 -8.60
C VAL A 40 0.68 -12.44 -7.16
N TYR A 41 1.32 -13.59 -6.90
CA TYR A 41 1.82 -13.89 -5.55
C TYR A 41 2.85 -12.85 -5.10
N LYS A 42 3.75 -12.45 -6.01
CA LYS A 42 4.79 -11.44 -5.71
C LYS A 42 4.11 -10.11 -5.39
N LYS A 43 3.12 -9.72 -6.20
CA LYS A 43 2.50 -8.36 -6.07
C LYS A 43 1.50 -8.27 -4.91
N TRP A 44 0.75 -9.32 -4.68
CA TRP A 44 -0.38 -9.35 -3.74
C TRP A 44 -0.33 -10.60 -2.90
N PRO A 45 0.77 -10.88 -2.15
CA PRO A 45 0.87 -12.14 -1.44
C PRO A 45 -0.16 -12.27 -0.33
N GLU A 46 -0.61 -11.15 0.22
CA GLU A 46 -1.63 -11.17 1.30
C GLU A 46 -2.91 -11.84 0.78
N SER A 47 -3.13 -11.78 -0.54
CA SER A 47 -4.38 -12.28 -1.12
C SER A 47 -4.39 -13.80 -1.21
N PHE A 48 -3.31 -14.44 -0.78
CA PHE A 48 -3.27 -15.93 -0.83
C PHE A 48 -3.62 -16.52 0.54
N LYS A 49 -4.11 -15.73 1.46
CA LYS A 49 -4.67 -16.27 2.74
C LYS A 49 -6.01 -16.94 2.44
N ASN A 50 -6.09 -18.25 2.59
CA ASN A 50 -7.33 -19.05 2.40
C ASN A 50 -7.87 -18.84 0.99
N SER A 51 -6.97 -18.79 0.01
CA SER A 51 -7.44 -18.61 -1.39
C SER A 51 -7.72 -19.96 -2.07
N ALA A 52 -7.37 -21.10 -1.51
CA ALA A 52 -7.65 -22.43 -2.11
C ALA A 52 -9.15 -22.55 -2.40
N THR A 53 -9.47 -23.10 -3.58
CA THR A 53 -10.84 -23.21 -4.08
C THR A 53 -10.82 -24.25 -5.18
N PRO A 54 -11.93 -24.98 -5.43
CA PRO A 54 -11.89 -26.04 -6.42
C PRO A 54 -11.81 -25.56 -7.87
N VAL A 55 -11.45 -26.49 -8.73
CA VAL A 55 -11.49 -26.22 -10.20
C VAL A 55 -12.87 -25.74 -10.56
N GLY A 56 -12.93 -24.74 -11.46
CA GLY A 56 -14.21 -24.27 -11.99
C GLY A 56 -14.80 -23.18 -11.12
N THR A 57 -14.12 -22.75 -10.07
CA THR A 57 -14.62 -21.72 -9.15
C THR A 57 -13.69 -20.53 -9.04
N ALA A 58 -14.21 -19.47 -8.42
CA ALA A 58 -13.44 -18.25 -8.16
C ALA A 58 -13.65 -17.90 -6.70
N LYS A 59 -12.60 -17.47 -6.08
CA LYS A 59 -12.62 -17.07 -4.64
C LYS A 59 -11.86 -15.75 -4.53
N THR A 60 -12.53 -14.70 -4.06
CA THR A 60 -11.94 -13.35 -3.93
C THR A 60 -11.32 -13.19 -2.54
N VAL A 61 -10.08 -12.72 -2.48
CA VAL A 61 -9.39 -12.32 -1.23
C VAL A 61 -8.86 -10.93 -1.44
N MET A 62 -9.10 -10.07 -0.45
N MET A 62 -9.17 -10.03 -0.50
CA MET A 62 -8.68 -8.66 -0.50
CA MET A 62 -8.68 -8.64 -0.54
C MET A 62 -7.18 -8.58 -0.17
C MET A 62 -7.17 -8.61 -0.22
N CYS A 63 -6.44 -7.76 -0.92
CA CYS A 63 -5.08 -7.35 -0.56
C CYS A 63 -5.18 -5.88 -0.20
N GLY A 64 -5.29 -5.56 1.10
CA GLY A 64 -5.77 -4.21 1.46
C GLY A 64 -7.22 -4.06 1.10
N THR A 65 -7.54 -3.11 0.22
CA THR A 65 -8.90 -2.94 -0.36
C THR A 65 -8.91 -3.39 -1.82
N TYR A 66 -7.81 -3.95 -2.32
CA TYR A 66 -7.68 -4.30 -3.77
C TYR A 66 -8.09 -5.76 -3.92
N PRO A 67 -9.23 -6.07 -4.61
CA PRO A 67 -9.67 -7.47 -4.74
C PRO A 67 -8.86 -8.32 -5.73
N VAL A 68 -8.46 -9.49 -5.26
CA VAL A 68 -7.80 -10.50 -6.11
C VAL A 68 -8.77 -11.66 -6.24
N ILE A 69 -9.29 -11.87 -7.44
CA ILE A 69 -10.28 -12.93 -7.71
C ILE A 69 -9.50 -14.14 -8.18
N HIS A 70 -9.34 -15.14 -7.34
CA HIS A 70 -8.56 -16.35 -7.70
C HIS A 70 -9.48 -17.27 -8.48
N ALA A 71 -9.25 -17.39 -9.77
CA ALA A 71 -10.09 -18.21 -10.67
C ALA A 71 -9.30 -19.46 -11.08
N VAL A 72 -9.90 -20.61 -10.81
CA VAL A 72 -9.19 -21.89 -11.05
C VAL A 72 -9.70 -22.57 -12.31
N GLY A 73 -9.00 -22.34 -13.39
CA GLY A 73 -9.23 -23.05 -14.63
C GLY A 73 -8.75 -24.49 -14.48
N PRO A 74 -9.28 -25.40 -15.29
CA PRO A 74 -8.81 -26.78 -15.29
C PRO A 74 -7.43 -26.92 -15.92
N ASN A 75 -6.70 -27.92 -15.46
CA ASN A 75 -5.44 -28.33 -16.12
C ASN A 75 -5.79 -29.38 -17.16
N PHE A 76 -5.71 -29.07 -18.45
CA PHE A 76 -6.13 -29.95 -19.55
C PHE A 76 -5.21 -31.17 -19.61
N SER A 77 -4.10 -31.18 -18.88
CA SER A 77 -3.32 -32.44 -18.73
C SER A 77 -4.13 -33.51 -18.01
N ASN A 78 -4.99 -33.08 -17.07
CA ASN A 78 -5.69 -33.98 -16.12
C ASN A 78 -7.12 -34.24 -16.60
N TYR A 79 -7.79 -33.26 -17.24
CA TYR A 79 -9.20 -33.33 -17.69
C TYR A 79 -9.27 -33.81 -19.15
N THR A 80 -10.37 -34.47 -19.47
CA THR A 80 -10.77 -34.73 -20.87
C THR A 80 -11.09 -33.39 -21.54
N GLU A 81 -11.01 -33.32 -22.87
CA GLU A 81 -11.40 -32.05 -23.56
C GLU A 81 -12.80 -31.62 -23.16
N SER A 82 -13.76 -32.52 -23.07
CA SER A 82 -15.16 -32.20 -22.74
C SER A 82 -15.25 -31.64 -21.32
N GLU A 83 -14.69 -32.33 -20.34
CA GLU A 83 -14.86 -31.91 -18.94
C GLU A 83 -14.07 -30.62 -18.70
N GLY A 84 -12.89 -30.53 -19.28
CA GLY A 84 -12.05 -29.34 -19.13
C GLY A 84 -12.78 -28.17 -19.73
N ASP A 85 -13.37 -28.33 -20.89
CA ASP A 85 -14.12 -27.22 -21.51
C ASP A 85 -15.21 -26.76 -20.55
N ARG A 86 -15.94 -27.69 -19.90
CA ARG A 86 -17.04 -27.33 -19.01
C ARG A 86 -16.51 -26.54 -17.77
N GLU A 87 -15.40 -26.99 -17.20
CA GLU A 87 -14.85 -26.34 -15.99
C GLU A 87 -14.28 -24.97 -16.36
N LEU A 88 -13.73 -24.83 -17.56
CA LEU A 88 -13.14 -23.54 -17.99
C LEU A 88 -14.28 -22.52 -18.14
N ALA A 89 -15.36 -22.91 -18.82
CA ALA A 89 -16.53 -22.03 -18.90
C ALA A 89 -17.06 -21.69 -17.51
N ALA A 90 -17.10 -22.65 -16.58
CA ALA A 90 -17.62 -22.43 -15.22
C ALA A 90 -16.72 -21.43 -14.46
N ALA A 91 -15.39 -21.56 -14.55
CA ALA A 91 -14.53 -20.62 -13.82
C ALA A 91 -14.87 -19.20 -14.26
N TYR A 92 -15.02 -18.98 -15.57
CA TYR A 92 -15.32 -17.60 -16.03
C TYR A 92 -16.68 -17.14 -15.53
N ARG A 93 -17.68 -18.01 -15.52
CA ARG A 93 -18.99 -17.57 -14.96
C ARG A 93 -18.82 -17.12 -13.52
N GLU A 94 -17.99 -17.82 -12.74
CA GLU A 94 -17.78 -17.42 -11.33
C GLU A 94 -17.02 -16.11 -11.27
N VAL A 95 -16.10 -15.82 -12.17
CA VAL A 95 -15.43 -14.51 -12.22
C VAL A 95 -16.50 -13.44 -12.44
N ALA A 96 -17.41 -13.64 -13.39
CA ALA A 96 -18.43 -12.62 -13.68
C ALA A 96 -19.31 -12.36 -12.45
N LYS A 97 -19.66 -13.38 -11.71
CA LYS A 97 -20.44 -13.22 -10.44
C LYS A 97 -19.62 -12.36 -9.47
N GLU A 98 -18.31 -12.65 -9.32
CA GLU A 98 -17.52 -11.91 -8.34
C GLU A 98 -17.33 -10.46 -8.75
N VAL A 99 -17.03 -10.22 -10.03
CA VAL A 99 -16.84 -8.85 -10.54
C VAL A 99 -18.14 -8.08 -10.24
N THR A 100 -19.27 -8.70 -10.52
CA THR A 100 -20.59 -8.04 -10.29
C THR A 100 -20.77 -7.73 -8.80
N ARG A 101 -20.52 -8.71 -7.96
CA ARG A 101 -20.68 -8.59 -6.50
C ARG A 101 -19.81 -7.47 -5.96
N LEU A 102 -18.59 -7.32 -6.47
CA LEU A 102 -17.65 -6.35 -5.96
C LEU A 102 -18.05 -4.93 -6.33
N GLY A 103 -18.81 -4.72 -7.40
CA GLY A 103 -19.24 -3.40 -7.86
C GLY A 103 -18.13 -2.63 -8.53
N VAL A 104 -17.06 -3.31 -8.96
CA VAL A 104 -15.94 -2.64 -9.63
C VAL A 104 -16.41 -2.10 -11.00
N ASN A 105 -15.74 -1.10 -11.47
CA ASN A 105 -15.99 -0.57 -12.81
C ASN A 105 -14.99 -1.09 -13.84
N SER A 106 -13.97 -1.82 -13.41
CA SER A 106 -12.95 -2.41 -14.31
C SER A 106 -12.34 -3.65 -13.65
N VAL A 107 -11.80 -4.52 -14.49
CA VAL A 107 -11.17 -5.78 -14.05
C VAL A 107 -10.08 -6.13 -15.04
N ALA A 108 -8.92 -6.55 -14.55
CA ALA A 108 -7.79 -7.10 -15.29
C ALA A 108 -7.92 -8.63 -15.26
N ILE A 109 -7.85 -9.27 -16.43
N ILE A 109 -7.96 -9.25 -16.45
CA ILE A 109 -8.13 -10.72 -16.51
CA ILE A 109 -8.21 -10.72 -16.62
C ILE A 109 -7.19 -11.37 -17.51
C ILE A 109 -7.13 -11.33 -17.50
N PRO A 110 -6.56 -12.49 -17.11
CA PRO A 110 -5.73 -13.30 -18.00
C PRO A 110 -6.60 -14.34 -18.69
N LEU A 111 -6.09 -14.97 -19.77
CA LEU A 111 -6.83 -16.10 -20.36
C LEU A 111 -6.53 -17.37 -19.58
N LEU A 112 -7.53 -17.83 -18.88
CA LEU A 112 -7.41 -19.05 -18.05
C LEU A 112 -7.10 -20.28 -18.92
N SER A 113 -6.28 -21.16 -18.37
CA SER A 113 -5.96 -22.50 -18.92
C SER A 113 -5.21 -22.37 -20.26
N THR A 114 -4.55 -21.23 -20.52
CA THR A 114 -3.78 -21.04 -21.77
C THR A 114 -2.29 -21.26 -21.62
N GLY A 115 -1.76 -21.32 -20.41
CA GLY A 115 -0.33 -21.51 -20.14
C GLY A 115 -0.03 -22.95 -19.78
N VAL A 116 0.54 -23.16 -18.60
CA VAL A 116 0.95 -24.54 -18.19
C VAL A 116 -0.27 -25.45 -17.92
N TYR A 117 -1.52 -24.95 -17.85
CA TYR A 117 -2.75 -25.77 -17.77
C TYR A 117 -3.37 -26.04 -19.14
N SER A 118 -2.68 -25.68 -20.23
CA SER A 118 -3.26 -25.82 -21.59
C SER A 118 -3.14 -27.28 -22.09
N GLY A 119 -2.33 -28.10 -21.41
CA GLY A 119 -2.10 -29.48 -21.91
C GLY A 119 -1.38 -29.45 -23.25
N GLY A 120 -0.57 -28.41 -23.46
CA GLY A 120 0.27 -28.20 -24.65
C GLY A 120 -0.49 -27.84 -25.93
N LYS A 121 -1.72 -27.33 -25.79
CA LYS A 121 -2.59 -26.93 -26.93
C LYS A 121 -2.82 -25.42 -26.89
N ASP A 122 -3.02 -24.82 -28.07
CA ASP A 122 -3.36 -23.41 -28.24
C ASP A 122 -4.84 -23.31 -27.89
N ARG A 123 -5.16 -22.61 -26.79
CA ARG A 123 -6.55 -22.47 -26.32
C ARG A 123 -6.96 -21.00 -26.31
N LEU A 124 -6.27 -20.13 -27.04
CA LEU A 124 -6.66 -18.69 -27.09
C LEU A 124 -8.15 -18.59 -27.37
N THR A 125 -8.63 -19.07 -28.51
CA THR A 125 -10.02 -18.87 -28.92
C THR A 125 -11.00 -19.50 -27.92
N GLN A 126 -10.70 -20.71 -27.46
CA GLN A 126 -11.57 -21.44 -26.50
C GLN A 126 -11.70 -20.59 -25.22
N SER A 127 -10.58 -20.13 -24.72
CA SER A 127 -10.54 -19.46 -23.40
C SER A 127 -11.18 -18.07 -23.57
N LEU A 128 -10.82 -17.35 -24.63
CA LEU A 128 -11.38 -16.00 -24.88
C LEU A 128 -12.88 -16.07 -25.09
N ASN A 129 -13.38 -17.06 -25.84
CA ASN A 129 -14.83 -17.14 -26.06
C ASN A 129 -15.56 -17.44 -24.76
N HIS A 130 -14.99 -18.27 -23.86
CA HIS A 130 -15.63 -18.48 -22.54
C HIS A 130 -15.57 -17.21 -21.69
N LEU A 131 -14.52 -16.43 -21.83
CA LEU A 131 -14.39 -15.11 -21.16
C LEU A 131 -15.56 -14.24 -21.63
N PHE A 132 -15.71 -14.10 -22.94
CA PHE A 132 -16.80 -13.26 -23.47
C PHE A 132 -18.14 -13.79 -23.02
N THR A 133 -18.38 -15.11 -23.07
CA THR A 133 -19.71 -15.65 -22.69
C THR A 133 -20.07 -15.20 -21.28
N ALA A 134 -19.09 -15.22 -20.37
CA ALA A 134 -19.37 -14.84 -18.98
C ALA A 134 -19.41 -13.32 -18.83
N MET A 135 -18.49 -12.58 -19.42
CA MET A 135 -18.31 -11.16 -19.10
C MET A 135 -19.24 -10.26 -19.92
N ASP A 136 -19.86 -10.75 -20.99
CA ASP A 136 -20.63 -9.84 -21.88
C ASP A 136 -21.80 -9.23 -21.13
N SER A 137 -22.39 -9.92 -20.16
CA SER A 137 -23.57 -9.39 -19.43
C SER A 137 -23.15 -8.48 -18.28
N THR A 138 -21.83 -8.35 -18.00
CA THR A 138 -21.33 -7.42 -16.98
C THR A 138 -21.09 -6.05 -17.60
N ASP A 139 -21.08 -5.01 -16.77
CA ASP A 139 -20.84 -3.63 -17.25
C ASP A 139 -19.50 -3.11 -16.80
N ALA A 140 -18.60 -3.98 -16.32
CA ALA A 140 -17.23 -3.56 -16.03
C ALA A 140 -16.41 -3.38 -17.31
N ASP A 141 -15.50 -2.41 -17.37
CA ASP A 141 -14.47 -2.37 -18.42
C ASP A 141 -13.57 -3.60 -18.20
N VAL A 142 -13.35 -4.43 -19.19
CA VAL A 142 -12.52 -5.65 -19.07
C VAL A 142 -11.23 -5.37 -19.82
N VAL A 143 -10.09 -5.57 -19.18
CA VAL A 143 -8.76 -5.45 -19.80
C VAL A 143 -8.08 -6.80 -19.72
N ILE A 144 -7.89 -7.42 -20.85
CA ILE A 144 -7.30 -8.75 -20.96
C ILE A 144 -5.80 -8.58 -21.05
N TYR A 145 -5.04 -9.31 -20.25
CA TYR A 145 -3.57 -9.26 -20.27
C TYR A 145 -3.04 -10.52 -20.91
N CYS A 146 -2.02 -10.36 -21.75
CA CYS A 146 -1.32 -11.48 -22.40
C CYS A 146 0.16 -11.12 -22.50
N ARG A 147 1.00 -12.07 -22.84
CA ARG A 147 2.46 -11.83 -22.95
C ARG A 147 2.95 -11.98 -24.40
N ASP A 148 2.28 -12.74 -25.24
CA ASP A 148 2.76 -13.10 -26.60
C ASP A 148 2.28 -12.06 -27.62
N LYS A 149 3.17 -11.63 -28.53
CA LYS A 149 2.83 -10.57 -29.50
C LYS A 149 1.77 -11.06 -30.48
N GLU A 150 1.86 -12.30 -30.92
CA GLU A 150 0.84 -12.83 -31.86
C GLU A 150 -0.52 -13.03 -31.14
N TRP A 151 -0.49 -13.43 -29.88
CA TRP A 151 -1.75 -13.51 -29.11
C TRP A 151 -2.41 -12.15 -28.95
N GLU A 152 -1.62 -11.10 -28.71
CA GLU A 152 -2.15 -9.74 -28.56
C GLU A 152 -2.96 -9.39 -29.81
N LYS A 153 -2.37 -9.65 -30.98
CA LYS A 153 -2.98 -9.35 -32.29
C LYS A 153 -4.30 -10.11 -32.41
N LYS A 154 -4.28 -11.41 -32.11
CA LYS A 154 -5.45 -12.28 -32.27
C LYS A 154 -6.56 -11.91 -31.29
N ILE A 155 -6.21 -11.57 -30.04
CA ILE A 155 -7.23 -11.11 -29.06
C ILE A 155 -7.82 -9.77 -29.52
N SER A 156 -6.96 -8.84 -29.93
CA SER A 156 -7.39 -7.51 -30.43
C SER A 156 -8.36 -7.67 -31.62
N GLU A 157 -8.01 -8.56 -32.55
CA GLU A 157 -8.90 -8.82 -33.72
C GLU A 157 -10.24 -9.36 -33.25
N ALA A 158 -10.23 -10.28 -32.31
CA ALA A 158 -11.48 -10.90 -31.86
C ALA A 158 -12.35 -9.84 -31.18
N ILE A 159 -11.74 -8.96 -30.40
CA ILE A 159 -12.51 -7.87 -29.72
C ILE A 159 -13.13 -6.99 -30.82
N GLN A 160 -12.30 -6.52 -31.76
CA GLN A 160 -12.70 -5.52 -32.79
C GLN A 160 -13.79 -6.09 -33.71
N MET A 161 -13.69 -7.40 -34.04
CA MET A 161 -14.59 -8.14 -34.96
C MET A 161 -16.04 -8.11 -34.48
N ARG A 162 -16.28 -7.87 -33.18
CA ARG A 162 -17.65 -7.92 -32.59
C ARG A 162 -18.18 -6.51 -32.29
N THR A 163 -17.40 -5.43 -32.52
CA THR A 163 -17.83 -4.03 -32.31
C THR A 163 -18.47 -3.48 -33.59
N GLY B 1 -1.43 26.26 -22.45
CA GLY B 1 -0.21 26.71 -21.72
C GLY B 1 -0.48 26.88 -20.25
N ALA B 2 0.57 26.87 -19.43
CA ALA B 2 0.49 27.17 -18.00
C ALA B 2 0.27 28.68 -17.88
N MET B 3 -0.48 29.18 -16.89
CA MET B 3 -0.83 30.63 -16.90
C MET B 3 0.45 31.46 -16.72
N ALA B 4 1.44 30.90 -16.05
CA ALA B 4 2.77 31.53 -15.84
C ALA B 4 3.80 30.44 -16.02
N PRO B 5 4.15 30.10 -17.28
CA PRO B 5 5.04 28.98 -17.51
C PRO B 5 6.27 29.03 -16.62
N SER B 6 6.61 27.92 -15.99
CA SER B 6 7.71 27.83 -15.02
C SER B 6 8.59 26.62 -15.33
N TYR B 7 9.73 26.63 -14.70
CA TYR B 7 10.60 25.46 -14.49
C TYR B 7 10.64 25.14 -12.98
N ARG B 8 10.53 23.86 -12.61
CA ARG B 8 10.69 23.41 -11.21
C ARG B 8 11.58 22.18 -11.22
N VAL B 9 12.21 21.85 -10.11
CA VAL B 9 12.97 20.57 -10.03
C VAL B 9 12.42 19.74 -8.86
N LYS B 10 12.31 18.45 -9.06
CA LYS B 10 11.88 17.50 -8.01
C LYS B 10 12.93 16.39 -7.94
N ARG B 11 13.37 16.05 -6.73
CA ARG B 11 14.30 14.94 -6.50
C ARG B 11 13.49 13.71 -6.11
N MET B 12 13.07 12.92 -7.08
CA MET B 12 12.25 11.72 -6.87
C MET B 12 12.22 10.97 -8.20
N ASP B 13 11.63 9.79 -8.14
CA ASP B 13 11.39 8.88 -9.28
C ASP B 13 10.35 9.48 -10.22
N ILE B 14 10.75 9.70 -11.46
CA ILE B 14 9.92 10.42 -12.44
C ILE B 14 8.66 9.60 -12.77
N ALA B 15 8.65 8.30 -12.46
CA ALA B 15 7.43 7.48 -12.62
C ALA B 15 6.30 7.95 -11.66
N LYS B 16 6.62 8.67 -10.59
CA LYS B 16 5.60 9.24 -9.65
C LYS B 16 5.23 10.67 -10.01
N ASN B 17 5.60 11.16 -11.20
CA ASN B 17 5.33 12.56 -11.57
C ASN B 17 3.84 12.86 -11.57
N ASP B 18 3.48 14.13 -11.30
CA ASP B 18 2.08 14.65 -11.30
C ASP B 18 1.78 15.44 -12.58
N GLU B 19 2.66 15.39 -13.59
CA GLU B 19 2.52 16.20 -14.82
C GLU B 19 1.70 15.46 -15.85
N GLU B 20 1.32 16.15 -16.90
CA GLU B 20 0.38 15.67 -17.93
C GLU B 20 1.07 14.69 -18.89
N CYS B 21 2.40 14.59 -18.83
CA CYS B 21 3.14 13.67 -19.70
C CYS B 21 4.54 13.54 -19.16
N VAL B 22 5.22 12.50 -19.61
CA VAL B 22 6.57 12.15 -19.13
C VAL B 22 7.48 11.97 -20.35
N VAL B 23 8.70 12.43 -20.15
CA VAL B 23 9.84 12.14 -21.07
C VAL B 23 10.68 11.02 -20.47
N ASN B 24 10.76 9.94 -21.22
CA ASN B 24 11.65 8.83 -20.90
C ASN B 24 13.05 9.15 -21.48
N ALA B 25 14.06 8.88 -20.69
CA ALA B 25 15.46 8.84 -21.14
C ALA B 25 15.67 7.49 -21.80
N ALA B 26 15.23 7.34 -23.03
CA ALA B 26 15.09 6.06 -23.76
C ALA B 26 16.41 5.61 -24.36
N ASN B 27 16.51 4.35 -24.68
CA ASN B 27 17.53 3.85 -25.60
C ASN B 27 16.91 3.77 -26.99
N PRO B 28 17.68 3.61 -28.05
CA PRO B 28 17.13 3.67 -29.42
C PRO B 28 16.23 2.47 -29.75
N ARG B 29 16.28 1.39 -28.95
CA ARG B 29 15.70 0.11 -29.36
C ARG B 29 14.44 -0.15 -28.57
N GLY B 30 14.02 0.77 -27.70
CA GLY B 30 12.77 0.54 -26.93
C GLY B 30 12.91 -0.58 -25.93
N LEU B 31 14.11 -0.79 -25.40
CA LEU B 31 14.38 -1.82 -24.39
C LEU B 31 14.19 -1.21 -23.02
N PRO B 32 13.97 -2.02 -21.95
CA PRO B 32 13.84 -1.50 -20.58
C PRO B 32 14.97 -0.66 -19.95
N GLY B 33 16.21 -0.96 -20.21
CA GLY B 33 17.32 -0.04 -19.84
C GLY B 33 17.60 0.11 -18.36
N ASP B 34 18.24 1.22 -17.97
CA ASP B 34 18.70 1.54 -16.60
C ASP B 34 18.07 2.87 -16.16
N GLY B 35 18.28 3.24 -14.89
CA GLY B 35 17.87 4.54 -14.33
C GLY B 35 16.41 4.87 -14.62
N VAL B 36 16.19 6.08 -15.14
CA VAL B 36 14.82 6.57 -15.48
C VAL B 36 14.11 5.56 -16.39
N CYS B 37 14.77 5.00 -17.39
CA CYS B 37 14.14 4.12 -18.38
C CYS B 37 13.53 2.92 -17.66
N LYS B 38 14.28 2.39 -16.68
CA LYS B 38 13.82 1.18 -15.95
C LYS B 38 12.57 1.54 -15.12
N ALA B 39 12.59 2.72 -14.52
CA ALA B 39 11.46 3.25 -13.73
C ALA B 39 10.25 3.44 -14.64
N VAL B 40 10.43 3.97 -15.86
CA VAL B 40 9.32 4.17 -16.81
C VAL B 40 8.77 2.82 -17.30
N TYR B 41 9.64 1.83 -17.52
CA TYR B 41 9.20 0.51 -17.99
C TYR B 41 8.38 -0.17 -16.90
N LYS B 42 8.72 0.09 -15.63
CA LYS B 42 8.05 -0.57 -14.48
C LYS B 42 6.58 -0.13 -14.43
N LYS B 43 6.26 1.09 -14.85
CA LYS B 43 4.87 1.63 -14.80
C LYS B 43 4.15 1.59 -16.16
N TRP B 44 4.83 1.91 -17.26
CA TRP B 44 4.22 2.03 -18.59
C TRP B 44 4.98 1.13 -19.56
N PRO B 45 5.07 -0.19 -19.32
CA PRO B 45 5.75 -1.04 -20.28
C PRO B 45 5.08 -1.06 -21.63
N GLU B 46 3.73 -0.94 -21.69
CA GLU B 46 3.03 -0.94 -23.00
C GLU B 46 3.36 0.35 -23.76
N SER B 47 3.98 1.32 -23.09
CA SER B 47 4.51 2.52 -23.79
C SER B 47 5.73 2.17 -24.64
N PHE B 48 6.32 0.97 -24.46
CA PHE B 48 7.50 0.55 -25.24
C PHE B 48 7.10 -0.19 -26.51
N LYS B 49 5.80 -0.33 -26.79
CA LYS B 49 5.34 -0.96 -28.02
C LYS B 49 5.73 -0.04 -29.16
N ASN B 50 6.67 -0.51 -29.97
CA ASN B 50 7.11 0.22 -31.18
C ASN B 50 7.66 1.59 -30.78
N SER B 51 8.43 1.63 -29.72
CA SER B 51 9.02 2.92 -29.27
C SER B 51 10.44 3.09 -29.79
N ALA B 52 11.04 2.10 -30.46
CA ALA B 52 12.40 2.27 -31.00
C ALA B 52 12.45 3.52 -31.90
N THR B 53 13.49 4.32 -31.77
CA THR B 53 13.60 5.57 -32.55
C THR B 53 15.07 5.94 -32.52
N PRO B 54 15.61 6.67 -33.51
CA PRO B 54 17.03 6.95 -33.54
C PRO B 54 17.51 7.92 -32.47
N VAL B 55 18.81 7.89 -32.26
CA VAL B 55 19.48 8.89 -31.40
C VAL B 55 19.13 10.28 -31.90
N GLY B 56 18.86 11.21 -31.00
CA GLY B 56 18.56 12.60 -31.36
C GLY B 56 17.09 12.79 -31.70
N THR B 57 16.25 11.80 -31.47
CA THR B 57 14.80 11.90 -31.76
C THR B 57 13.96 11.57 -30.54
N ALA B 58 12.69 11.92 -30.67
CA ALA B 58 11.66 11.59 -29.68
C ALA B 58 10.46 10.95 -30.36
N LYS B 59 9.97 9.90 -29.72
CA LYS B 59 8.82 9.12 -30.22
C LYS B 59 7.83 8.95 -29.10
N THR B 60 6.58 9.43 -29.30
CA THR B 60 5.56 9.38 -28.23
C THR B 60 4.65 8.17 -28.43
N VAL B 61 4.47 7.46 -27.36
CA VAL B 61 3.47 6.36 -27.29
C VAL B 61 2.48 6.71 -26.20
N MET B 62 1.18 6.70 -26.60
CA MET B 62 0.06 6.95 -25.67
C MET B 62 -0.23 5.70 -24.89
N CYS B 63 -0.34 5.87 -23.59
CA CYS B 63 -0.92 4.87 -22.69
C CYS B 63 -2.28 5.38 -22.27
N GLY B 64 -3.32 5.08 -23.06
CA GLY B 64 -4.60 5.74 -22.79
C GLY B 64 -4.46 7.20 -23.14
N THR B 65 -4.70 8.04 -22.13
CA THR B 65 -4.70 9.52 -22.20
C THR B 65 -3.26 10.03 -22.03
N TYR B 66 -2.38 9.21 -21.44
CA TYR B 66 -1.08 9.64 -20.84
C TYR B 66 0.04 9.47 -21.87
N PRO B 67 0.61 10.57 -22.40
CA PRO B 67 1.74 10.49 -23.35
C PRO B 67 3.08 10.19 -22.67
N VAL B 68 3.76 9.16 -23.22
CA VAL B 68 5.18 8.82 -22.88
C VAL B 68 6.05 9.19 -24.06
N ILE B 69 6.86 10.22 -23.84
CA ILE B 69 7.74 10.77 -24.91
C ILE B 69 9.16 10.16 -24.77
N HIS B 70 9.44 9.18 -25.59
CA HIS B 70 10.74 8.48 -25.57
C HIS B 70 11.78 9.36 -26.26
N ALA B 71 12.68 9.93 -25.49
CA ALA B 71 13.72 10.85 -26.02
C ALA B 71 15.06 10.14 -25.94
N VAL B 72 15.71 10.01 -27.08
CA VAL B 72 16.96 9.21 -27.17
C VAL B 72 18.17 10.14 -27.19
N GLY B 73 18.80 10.36 -26.04
CA GLY B 73 20.08 11.09 -26.01
C GLY B 73 21.21 10.15 -26.45
N PRO B 74 22.33 10.75 -26.89
CA PRO B 74 23.50 9.97 -27.28
C PRO B 74 24.17 9.36 -26.07
N ASN B 75 24.76 8.19 -26.31
CA ASN B 75 25.70 7.56 -25.35
C ASN B 75 27.11 8.11 -25.64
N PHE B 76 27.60 8.95 -24.77
CA PHE B 76 28.95 9.55 -24.94
C PHE B 76 30.05 8.49 -24.82
N SER B 77 29.76 7.27 -24.47
CA SER B 77 30.78 6.18 -24.63
C SER B 77 31.02 5.94 -26.12
N ASN B 78 30.03 6.19 -26.98
CA ASN B 78 30.07 5.89 -28.43
C ASN B 78 30.28 7.13 -29.30
N TYR B 79 29.62 8.22 -28.97
CA TYR B 79 29.71 9.51 -29.70
C TYR B 79 30.93 10.26 -29.21
N THR B 80 31.52 11.02 -30.14
CA THR B 80 32.47 12.07 -29.79
C THR B 80 31.78 13.22 -29.07
N GLU B 81 32.55 14.03 -28.41
CA GLU B 81 31.99 15.22 -27.71
C GLU B 81 31.25 16.08 -28.72
N SER B 82 31.83 16.28 -29.89
CA SER B 82 31.20 17.14 -30.91
C SER B 82 29.89 16.54 -31.42
N GLU B 83 29.91 15.27 -31.80
CA GLU B 83 28.71 14.67 -32.42
C GLU B 83 27.65 14.50 -31.32
N GLY B 84 28.06 14.06 -30.14
CA GLY B 84 27.12 13.88 -29.01
C GLY B 84 26.48 15.17 -28.65
N ASP B 85 27.23 16.26 -28.62
CA ASP B 85 26.60 17.55 -28.22
C ASP B 85 25.48 17.91 -29.18
N ARG B 86 25.66 17.67 -30.46
CA ARG B 86 24.64 17.97 -31.49
C ARG B 86 23.43 17.06 -31.25
N GLU B 87 23.64 15.78 -31.00
CA GLU B 87 22.53 14.82 -30.88
C GLU B 87 21.76 15.09 -29.59
N LEU B 88 22.44 15.51 -28.55
CA LEU B 88 21.78 15.80 -27.27
C LEU B 88 20.90 17.03 -27.45
N ALA B 89 21.38 18.07 -28.08
CA ALA B 89 20.54 19.24 -28.39
C ALA B 89 19.35 18.84 -29.23
N ALA B 90 19.55 17.97 -30.23
CA ALA B 90 18.50 17.51 -31.14
C ALA B 90 17.41 16.78 -30.36
N ALA B 91 17.79 15.90 -29.43
CA ALA B 91 16.78 15.11 -28.70
C ALA B 91 15.88 16.07 -27.98
N TYR B 92 16.45 17.05 -27.31
CA TYR B 92 15.63 18.04 -26.57
C TYR B 92 14.76 18.86 -27.54
N ARG B 93 15.27 19.23 -28.67
CA ARG B 93 14.43 19.97 -29.64
C ARG B 93 13.21 19.14 -30.02
N GLU B 94 13.36 17.82 -30.23
N GLU B 94 13.41 17.84 -30.19
CA GLU B 94 12.20 16.95 -30.56
CA GLU B 94 12.31 16.94 -30.58
C GLU B 94 11.26 16.85 -29.36
C GLU B 94 11.32 16.80 -29.40
N VAL B 95 11.80 16.83 -28.15
CA VAL B 95 10.92 16.82 -26.97
C VAL B 95 10.05 18.09 -27.01
N ALA B 96 10.63 19.25 -27.29
CA ALA B 96 9.88 20.50 -27.29
C ALA B 96 8.77 20.45 -28.36
N LYS B 97 9.06 19.93 -29.53
CA LYS B 97 8.06 19.75 -30.60
C LYS B 97 6.93 18.86 -30.10
N GLU B 98 7.23 17.74 -29.46
CA GLU B 98 6.20 16.76 -29.03
C GLU B 98 5.38 17.40 -27.92
N VAL B 99 6.01 18.05 -26.95
CA VAL B 99 5.23 18.68 -25.87
C VAL B 99 4.26 19.70 -26.49
N THR B 100 4.74 20.48 -27.42
CA THR B 100 3.91 21.51 -28.11
C THR B 100 2.77 20.81 -28.83
N ARG B 101 3.09 19.79 -29.61
CA ARG B 101 2.04 19.05 -30.40
C ARG B 101 0.96 18.53 -29.46
N LEU B 102 1.34 17.92 -28.36
CA LEU B 102 0.43 17.26 -27.42
C LEU B 102 -0.49 18.27 -26.73
N GLY B 103 -0.10 19.53 -26.65
CA GLY B 103 -0.90 20.59 -25.99
C GLY B 103 -1.03 20.39 -24.51
N VAL B 104 -0.11 19.67 -23.88
CA VAL B 104 -0.04 19.48 -22.43
C VAL B 104 0.29 20.84 -21.80
N ASN B 105 -0.12 21.00 -20.57
CA ASN B 105 0.23 22.19 -19.76
C ASN B 105 1.36 21.90 -18.81
N SER B 106 1.80 20.65 -18.72
CA SER B 106 2.95 20.30 -17.86
C SER B 106 3.64 19.07 -18.49
N VAL B 107 4.91 18.93 -18.15
CA VAL B 107 5.74 17.78 -18.61
C VAL B 107 6.79 17.52 -17.54
N ALA B 108 7.05 16.25 -17.24
CA ALA B 108 8.13 15.73 -16.38
C ALA B 108 9.27 15.32 -17.32
N ILE B 109 10.46 15.84 -17.08
N ILE B 109 10.45 15.88 -17.09
CA ILE B 109 11.63 15.59 -17.96
CA ILE B 109 11.66 15.68 -17.95
C ILE B 109 12.86 15.29 -17.11
C ILE B 109 12.85 15.28 -17.09
N PRO B 110 13.63 14.24 -17.48
CA PRO B 110 14.90 13.96 -16.82
C PRO B 110 16.05 14.61 -17.61
N LEU B 111 17.25 14.61 -17.05
CA LEU B 111 18.40 15.20 -17.78
C LEU B 111 18.99 14.08 -18.65
N LEU B 112 18.77 14.18 -19.93
CA LEU B 112 19.24 13.20 -20.92
C LEU B 112 20.76 13.13 -20.91
N SER B 113 21.25 11.91 -21.09
CA SER B 113 22.69 11.58 -21.26
C SER B 113 23.49 11.87 -19.97
N THR B 114 22.87 11.91 -18.80
CA THR B 114 23.62 12.25 -17.55
C THR B 114 23.93 11.00 -16.71
N GLY B 115 23.32 9.88 -17.05
CA GLY B 115 23.56 8.62 -16.28
C GLY B 115 24.53 7.72 -17.01
N VAL B 116 24.08 6.50 -17.32
CA VAL B 116 24.92 5.48 -18.02
C VAL B 116 25.38 6.00 -19.38
N TYR B 117 24.66 6.95 -20.02
CA TYR B 117 25.07 7.53 -21.34
C TYR B 117 26.06 8.70 -21.18
N SER B 118 26.56 9.00 -19.99
CA SER B 118 27.40 10.21 -19.76
C SER B 118 28.86 9.99 -20.21
N GLY B 119 29.24 8.75 -20.45
CA GLY B 119 30.67 8.46 -20.77
C GLY B 119 31.55 8.75 -19.57
N GLY B 120 31.01 8.59 -18.37
CA GLY B 120 31.77 8.85 -17.12
C GLY B 120 32.02 10.31 -16.80
N LYS B 121 31.39 11.27 -17.50
CA LYS B 121 31.57 12.71 -17.22
C LYS B 121 30.31 13.29 -16.56
N ASP B 122 30.51 14.34 -15.77
CA ASP B 122 29.44 15.17 -15.18
C ASP B 122 28.86 16.03 -16.29
N ARG B 123 27.61 15.78 -16.69
CA ARG B 123 27.00 16.52 -17.83
C ARG B 123 25.77 17.31 -17.39
N LEU B 124 25.63 17.57 -16.10
CA LEU B 124 24.48 18.35 -15.59
C LEU B 124 24.36 19.63 -16.39
N THR B 125 25.39 20.46 -16.43
CA THR B 125 25.29 21.80 -17.06
C THR B 125 25.01 21.67 -18.56
N GLN B 126 25.69 20.77 -19.23
CA GLN B 126 25.49 20.55 -20.67
C GLN B 126 24.04 20.16 -20.95
N SER B 127 23.57 19.19 -20.22
CA SER B 127 22.26 18.59 -20.51
C SER B 127 21.21 19.64 -20.14
N LEU B 128 21.35 20.31 -19.00
CA LEU B 128 20.36 21.33 -18.58
C LEU B 128 20.35 22.49 -19.59
N ASN B 129 21.50 22.87 -20.11
CA ASN B 129 21.57 23.99 -21.08
C ASN B 129 20.77 23.59 -22.30
N HIS B 130 20.95 22.38 -22.81
CA HIS B 130 20.24 21.97 -24.02
C HIS B 130 18.74 21.85 -23.70
N LEU B 131 18.38 21.44 -22.51
CA LEU B 131 16.95 21.35 -22.08
C LEU B 131 16.37 22.77 -22.18
N PHE B 132 17.01 23.73 -21.55
CA PHE B 132 16.51 25.10 -21.60
C PHE B 132 16.44 25.62 -23.03
N THR B 133 17.48 25.39 -23.83
CA THR B 133 17.52 25.92 -25.22
C THR B 133 16.26 25.47 -25.96
N ALA B 134 15.85 24.21 -25.76
CA ALA B 134 14.68 23.66 -26.45
C ALA B 134 13.39 24.12 -25.78
N MET B 135 13.28 24.04 -24.47
CA MET B 135 12.02 24.19 -23.75
C MET B 135 11.69 25.67 -23.47
N ASP B 136 12.63 26.58 -23.63
CA ASP B 136 12.37 28.00 -23.21
C ASP B 136 11.22 28.55 -24.05
N SER B 137 11.10 28.20 -25.32
CA SER B 137 10.04 28.76 -26.19
C SER B 137 8.69 28.06 -26.00
N THR B 138 8.62 27.01 -25.22
CA THR B 138 7.35 26.31 -24.92
C THR B 138 6.69 26.96 -23.73
N ASP B 139 5.35 26.79 -23.61
CA ASP B 139 4.63 27.37 -22.47
C ASP B 139 4.15 26.34 -21.49
N ALA B 140 4.64 25.10 -21.58
CA ALA B 140 4.27 24.10 -20.58
C ALA B 140 5.04 24.36 -19.29
N ASP B 141 4.43 24.05 -18.15
CA ASP B 141 5.20 23.94 -16.92
C ASP B 141 6.12 22.73 -17.02
N VAL B 142 7.40 22.98 -16.91
CA VAL B 142 8.44 21.91 -16.98
C VAL B 142 8.90 21.59 -15.57
N VAL B 143 8.87 20.29 -15.24
CA VAL B 143 9.35 19.74 -13.98
C VAL B 143 10.50 18.79 -14.29
N ILE B 144 11.68 19.22 -13.90
CA ILE B 144 12.94 18.46 -14.14
C ILE B 144 13.11 17.49 -12.97
N TYR B 145 13.35 16.21 -13.25
CA TYR B 145 13.48 15.18 -12.20
C TYR B 145 14.96 14.85 -12.08
N CYS B 146 15.43 14.56 -10.86
CA CYS B 146 16.80 14.11 -10.60
C CYS B 146 16.74 13.19 -9.38
N ARG B 147 17.84 12.56 -9.01
CA ARG B 147 17.85 11.71 -7.78
C ARG B 147 18.87 12.23 -6.77
N ASP B 148 19.90 12.92 -7.22
CA ASP B 148 21.06 13.29 -6.39
C ASP B 148 20.79 14.64 -5.71
N LYS B 149 21.06 14.75 -4.40
CA LYS B 149 20.77 15.98 -3.65
C LYS B 149 21.63 17.15 -4.15
N GLU B 150 22.89 16.89 -4.50
CA GLU B 150 23.80 17.95 -5.00
C GLU B 150 23.27 18.40 -6.38
N TRP B 151 22.82 17.44 -7.18
CA TRP B 151 22.26 17.76 -8.53
C TRP B 151 20.99 18.59 -8.36
N GLU B 152 20.08 18.19 -7.46
CA GLU B 152 18.86 18.99 -7.19
C GLU B 152 19.25 20.44 -6.89
N LYS B 153 20.20 20.65 -5.98
CA LYS B 153 20.65 22.01 -5.58
C LYS B 153 21.14 22.77 -6.83
N LYS B 154 21.98 22.14 -7.67
CA LYS B 154 22.60 22.87 -8.80
C LYS B 154 21.54 23.15 -9.87
N ILE B 155 20.60 22.23 -10.05
CA ILE B 155 19.51 22.49 -11.03
C ILE B 155 18.66 23.66 -10.52
N SER B 156 18.25 23.58 -9.25
CA SER B 156 17.44 24.66 -8.62
C SER B 156 18.18 25.99 -8.78
N GLU B 157 19.47 25.98 -8.51
CA GLU B 157 20.26 27.24 -8.60
C GLU B 157 20.18 27.79 -10.03
N ALA B 158 20.42 26.92 -11.02
CA ALA B 158 20.41 27.32 -12.43
C ALA B 158 19.03 27.88 -12.80
N ILE B 159 17.93 27.30 -12.30
CA ILE B 159 16.58 27.82 -12.63
C ILE B 159 16.42 29.22 -12.05
N GLN B 160 16.72 29.35 -10.77
CA GLN B 160 16.44 30.60 -10.01
C GLN B 160 17.25 31.78 -10.56
N MET B 161 18.47 31.51 -11.02
CA MET B 161 19.48 32.48 -11.55
C MET B 161 18.90 33.27 -12.74
N ARG B 162 18.01 32.65 -13.50
CA ARG B 162 17.62 33.15 -14.85
C ARG B 162 16.54 34.23 -14.81
N THR B 163 15.82 34.31 -13.70
CA THR B 163 14.66 35.22 -13.51
C THR B 163 15.01 36.26 -12.44
N GLY C 1 -0.72 7.45 26.93
CA GLY C 1 -1.97 7.01 26.22
C GLY C 1 -3.21 7.63 26.83
N ALA C 2 -4.28 7.78 26.04
CA ALA C 2 -5.63 8.09 26.55
C ALA C 2 -6.10 6.92 27.43
N MET C 3 -6.83 7.21 28.51
CA MET C 3 -7.30 6.18 29.48
C MET C 3 -8.29 5.23 28.80
N ALA C 4 -9.07 5.70 27.83
CA ALA C 4 -10.03 4.88 27.07
C ALA C 4 -9.92 5.34 25.63
N PRO C 5 -8.85 4.88 24.92
CA PRO C 5 -8.60 5.44 23.59
C PRO C 5 -9.84 5.34 22.69
N SER C 6 -10.16 6.45 22.04
CA SER C 6 -11.37 6.56 21.20
C SER C 6 -11.05 7.05 19.79
N TYR C 7 -12.04 6.92 18.94
CA TYR C 7 -12.15 7.61 17.65
C TYR C 7 -13.31 8.60 17.72
N ARG C 8 -13.13 9.77 17.16
CA ARG C 8 -14.19 10.78 17.00
C ARG C 8 -14.04 11.42 15.63
N VAL C 9 -15.07 12.05 15.13
CA VAL C 9 -14.99 12.82 13.86
C VAL C 9 -15.54 14.20 14.13
N LYS C 10 -14.95 15.18 13.46
CA LYS C 10 -15.39 16.59 13.49
C LYS C 10 -15.39 17.17 12.10
N ARG C 11 -16.46 17.91 11.81
CA ARG C 11 -16.60 18.68 10.56
C ARG C 11 -16.09 20.08 10.90
N MET C 12 -14.79 20.32 10.68
CA MET C 12 -14.10 21.53 11.18
C MET C 12 -12.74 21.63 10.49
N ASP C 13 -12.22 22.83 10.31
CA ASP C 13 -10.84 23.12 9.86
C ASP C 13 -9.85 22.42 10.81
N ILE C 14 -9.03 21.53 10.28
CA ILE C 14 -8.04 20.80 11.09
C ILE C 14 -7.01 21.80 11.66
N ALA C 15 -6.92 22.98 11.08
CA ALA C 15 -5.97 24.01 11.53
C ALA C 15 -6.42 24.57 12.88
N LYS C 16 -7.67 24.28 13.26
N LYS C 16 -7.66 24.31 13.29
CA LYS C 16 -8.31 24.72 14.53
CA LYS C 16 -8.15 24.76 14.62
C LYS C 16 -8.48 23.55 15.51
C LYS C 16 -8.49 23.54 15.48
N ASN C 17 -7.75 22.44 15.30
CA ASN C 17 -7.95 21.23 16.11
C ASN C 17 -7.67 21.48 17.59
N ASP C 18 -8.17 20.58 18.40
CA ASP C 18 -7.99 20.58 19.86
C ASP C 18 -7.15 19.40 20.33
N GLU C 19 -6.25 18.88 19.50
CA GLU C 19 -5.43 17.72 19.85
C GLU C 19 -3.98 18.11 20.01
N GLU C 20 -3.20 17.17 20.48
CA GLU C 20 -1.77 17.38 20.88
C GLU C 20 -0.87 17.41 19.66
N CYS C 21 -1.35 16.96 18.51
CA CYS C 21 -0.55 17.02 17.26
C CYS C 21 -1.46 16.90 16.07
N VAL C 22 -0.96 17.24 14.88
CA VAL C 22 -1.78 17.26 13.66
C VAL C 22 -1.06 16.43 12.60
N VAL C 23 -1.87 15.77 11.78
CA VAL C 23 -1.37 15.12 10.54
C VAL C 23 -1.70 16.01 9.39
N ASN C 24 -0.66 16.38 8.62
CA ASN C 24 -0.83 17.16 7.38
C ASN C 24 -0.95 16.16 6.19
N ALA C 25 -1.92 16.40 5.33
CA ALA C 25 -2.01 15.67 4.04
C ALA C 25 -1.02 16.34 3.08
N ALA C 26 0.22 15.91 3.23
CA ALA C 26 1.41 16.57 2.65
C ALA C 26 1.65 16.14 1.20
N ASN C 27 2.56 16.86 0.54
CA ASN C 27 3.05 16.46 -0.80
C ASN C 27 4.51 16.08 -0.61
N PRO C 28 5.06 15.25 -1.51
CA PRO C 28 6.40 14.68 -1.35
C PRO C 28 7.55 15.69 -1.24
N ARG C 29 7.43 16.90 -1.77
CA ARG C 29 8.58 17.83 -1.69
C ARG C 29 8.25 18.98 -0.71
N GLY C 30 7.21 18.81 0.12
CA GLY C 30 7.08 19.64 1.32
C GLY C 30 6.68 21.06 1.03
N LEU C 31 5.88 21.27 -0.01
CA LEU C 31 5.34 22.59 -0.41
C LEU C 31 4.01 22.89 0.28
N PRO C 32 3.65 24.17 0.42
CA PRO C 32 2.32 24.57 0.85
C PRO C 32 1.18 23.78 0.16
N GLY C 33 1.34 23.45 -1.12
CA GLY C 33 0.30 22.71 -1.85
C GLY C 33 -1.02 23.46 -1.77
N ASP C 34 -2.15 22.74 -1.71
CA ASP C 34 -3.50 23.37 -1.65
C ASP C 34 -4.39 22.45 -0.80
N GLY C 35 -5.68 22.76 -0.68
CA GLY C 35 -6.57 21.99 0.22
C GLY C 35 -6.15 22.12 1.67
N VAL C 36 -6.05 20.99 2.37
CA VAL C 36 -5.73 20.93 3.82
C VAL C 36 -4.26 21.29 4.02
N CYS C 37 -3.39 20.93 3.06
CA CYS C 37 -1.92 21.20 3.11
C CYS C 37 -1.65 22.73 3.15
N LYS C 38 -2.48 23.56 2.51
CA LYS C 38 -2.38 25.06 2.52
C LYS C 38 -2.88 25.65 3.87
N ALA C 39 -4.05 25.28 4.36
CA ALA C 39 -4.55 25.72 5.70
C ALA C 39 -3.53 25.35 6.79
N VAL C 40 -2.91 24.19 6.67
CA VAL C 40 -1.85 23.68 7.59
C VAL C 40 -0.63 24.59 7.45
N TYR C 41 -0.21 24.88 6.22
CA TYR C 41 0.97 25.75 5.95
C TYR C 41 0.69 27.14 6.55
N LYS C 42 -0.52 27.68 6.44
CA LYS C 42 -0.82 29.03 6.99
C LYS C 42 -0.75 29.00 8.52
N LYS C 43 -1.23 27.93 9.17
CA LYS C 43 -1.20 27.80 10.65
C LYS C 43 0.20 27.44 11.18
N TRP C 44 0.93 26.55 10.53
CA TRP C 44 2.20 26.01 11.06
C TRP C 44 3.32 26.05 10.02
N PRO C 45 3.62 27.25 9.47
CA PRO C 45 4.59 27.35 8.38
C PRO C 45 5.98 26.83 8.77
N GLU C 46 6.40 27.04 10.02
CA GLU C 46 7.73 26.59 10.48
C GLU C 46 7.88 25.07 10.36
N SER C 47 6.77 24.32 10.37
CA SER C 47 6.82 22.84 10.29
C SER C 47 7.20 22.32 8.89
N PHE C 48 7.32 23.22 7.90
CA PHE C 48 7.60 22.88 6.48
C PHE C 48 9.12 23.00 6.21
N LYS C 49 9.87 23.43 7.23
CA LYS C 49 11.36 23.33 7.22
C LYS C 49 11.77 21.86 7.00
N ASN C 50 12.26 21.52 5.80
CA ASN C 50 12.76 20.15 5.50
C ASN C 50 11.66 19.11 5.77
N SER C 51 10.43 19.43 5.38
CA SER C 51 9.29 18.48 5.57
C SER C 51 9.20 17.50 4.41
N ALA C 52 9.95 17.70 3.33
CA ALA C 52 9.86 16.80 2.16
C ALA C 52 10.03 15.37 2.62
N THR C 53 9.18 14.46 2.12
CA THR C 53 9.26 13.03 2.44
C THR C 53 8.47 12.27 1.37
N PRO C 54 8.86 11.03 1.06
CA PRO C 54 8.27 10.35 -0.09
C PRO C 54 6.84 9.87 0.11
N VAL C 55 6.17 9.63 -0.99
CA VAL C 55 4.86 8.92 -1.01
C VAL C 55 4.97 7.65 -0.17
N GLY C 56 3.96 7.41 0.71
CA GLY C 56 3.93 6.25 1.59
C GLY C 56 4.62 6.39 2.92
N THR C 57 5.14 7.58 3.20
CA THR C 57 5.88 7.88 4.45
C THR C 57 5.23 9.03 5.19
N ALA C 58 5.73 9.21 6.41
CA ALA C 58 5.40 10.36 7.25
C ALA C 58 6.68 10.92 7.86
N LYS C 59 6.70 12.22 7.98
CA LYS C 59 7.84 12.94 8.60
C LYS C 59 7.25 13.99 9.55
N THR C 60 7.71 13.95 10.80
CA THR C 60 7.30 14.93 11.82
C THR C 60 8.28 16.10 11.88
N VAL C 61 7.73 17.28 11.79
CA VAL C 61 8.50 18.52 12.08
C VAL C 61 7.73 19.30 13.14
N MET C 62 8.49 19.82 14.10
CA MET C 62 7.90 20.65 15.16
C MET C 62 7.62 22.05 14.65
N CYS C 63 6.53 22.59 15.09
CA CYS C 63 6.24 24.02 14.99
C CYS C 63 6.23 24.53 16.42
N GLY C 64 7.30 25.19 16.88
CA GLY C 64 7.48 25.35 18.34
C GLY C 64 7.64 24.01 18.99
N THR C 65 6.72 23.59 19.86
CA THR C 65 6.71 22.24 20.43
C THR C 65 5.53 21.42 19.85
N TYR C 66 4.80 22.00 18.90
CA TYR C 66 3.54 21.39 18.38
C TYR C 66 3.93 20.50 17.19
N PRO C 67 3.77 19.15 17.29
CA PRO C 67 4.21 18.28 16.20
C PRO C 67 3.22 18.31 15.03
N VAL C 68 3.78 18.51 13.84
CA VAL C 68 3.08 18.36 12.55
C VAL C 68 3.64 17.12 11.85
N ILE C 69 2.80 16.10 11.72
CA ILE C 69 3.17 14.83 11.07
C ILE C 69 2.78 14.94 9.59
N HIS C 70 3.77 15.18 8.71
CA HIS C 70 3.53 15.33 7.27
C HIS C 70 3.43 13.92 6.65
N ALA C 71 2.21 13.50 6.30
CA ALA C 71 1.92 12.16 5.76
C ALA C 71 1.57 12.30 4.29
N VAL C 72 2.38 11.56 3.50
CA VAL C 72 2.23 11.69 2.01
C VAL C 72 1.51 10.45 1.48
N GLY C 73 0.23 10.67 1.20
CA GLY C 73 -0.57 9.64 0.53
C GLY C 73 -0.25 9.71 -0.95
N PRO C 74 -0.59 8.62 -1.67
CA PRO C 74 -0.47 8.67 -3.12
C PRO C 74 -1.52 9.57 -3.75
N ASN C 75 -1.15 10.15 -4.88
CA ASN C 75 -2.08 10.85 -5.76
C ASN C 75 -2.61 9.81 -6.75
N PHE C 76 -3.89 9.50 -6.63
CA PHE C 76 -4.49 8.46 -7.51
C PHE C 76 -4.67 8.91 -8.96
N SER C 77 -4.39 10.18 -9.29
CA SER C 77 -4.23 10.58 -10.71
C SER C 77 -2.92 9.99 -11.25
N ASN C 78 -1.97 9.66 -10.37
CA ASN C 78 -0.57 9.29 -10.73
C ASN C 78 -0.33 7.81 -10.40
N TYR C 79 -1.27 7.17 -9.75
CA TYR C 79 -1.04 5.83 -9.21
C TYR C 79 -2.17 4.95 -9.68
N THR C 80 -1.86 3.73 -10.01
CA THR C 80 -2.93 2.74 -10.25
C THR C 80 -3.68 2.48 -8.96
N GLU C 81 -4.85 1.89 -9.08
CA GLU C 81 -5.56 1.48 -7.85
C GLU C 81 -4.72 0.52 -7.04
N SER C 82 -4.07 -0.45 -7.67
CA SER C 82 -3.25 -1.43 -6.94
C SER C 82 -2.11 -0.74 -6.20
N GLU C 83 -1.30 0.02 -6.91
CA GLU C 83 -0.06 0.57 -6.32
C GLU C 83 -0.49 1.62 -5.30
N GLY C 84 -1.51 2.39 -5.60
CA GLY C 84 -1.92 3.43 -4.64
C GLY C 84 -2.49 2.85 -3.40
N ASP C 85 -3.20 1.71 -3.45
CA ASP C 85 -3.80 1.13 -2.23
C ASP C 85 -2.69 0.77 -1.28
N ARG C 86 -1.60 0.22 -1.76
CA ARG C 86 -0.47 -0.17 -0.90
C ARG C 86 0.18 1.10 -0.32
N GLU C 87 0.37 2.15 -1.10
CA GLU C 87 1.10 3.36 -0.60
C GLU C 87 0.19 4.05 0.44
N LEU C 88 -1.11 4.04 0.23
CA LEU C 88 -2.06 4.72 1.18
C LEU C 88 -1.99 3.98 2.51
N ALA C 89 -2.05 2.63 2.52
CA ALA C 89 -1.91 1.86 3.77
C ALA C 89 -0.59 2.20 4.45
N ALA C 90 0.50 2.31 3.71
CA ALA C 90 1.83 2.52 4.27
C ALA C 90 1.92 3.93 4.90
N ALA C 91 1.35 4.94 4.28
CA ALA C 91 1.37 6.34 4.79
C ALA C 91 0.67 6.32 6.16
N TYR C 92 -0.46 5.63 6.30
CA TYR C 92 -1.11 5.54 7.62
C TYR C 92 -0.30 4.76 8.65
N ARG C 93 0.32 3.64 8.27
N ARG C 93 0.37 3.67 8.27
CA ARG C 93 1.25 2.90 9.18
CA ARG C 93 1.23 2.91 9.21
C ARG C 93 2.30 3.88 9.70
C ARG C 93 2.39 3.79 9.68
N GLU C 94 2.87 4.69 8.82
CA GLU C 94 3.94 5.65 9.23
C GLU C 94 3.33 6.67 10.19
N VAL C 95 2.09 7.09 10.00
CA VAL C 95 1.45 8.04 10.95
C VAL C 95 1.38 7.34 12.30
N ALA C 96 0.97 6.06 12.37
CA ALA C 96 0.88 5.35 13.65
C ALA C 96 2.20 5.28 14.37
N LYS C 97 3.29 5.03 13.65
CA LYS C 97 4.63 5.03 14.25
C LYS C 97 4.98 6.44 14.75
N GLU C 98 4.68 7.49 13.99
CA GLU C 98 5.02 8.88 14.42
C GLU C 98 4.23 9.24 15.66
N VAL C 99 2.93 8.94 15.69
CA VAL C 99 2.09 9.26 16.88
C VAL C 99 2.63 8.50 18.07
N THR C 100 3.02 7.25 17.93
CA THR C 100 3.51 6.40 19.02
C THR C 100 4.82 7.03 19.51
N ARG C 101 5.72 7.31 18.58
CA ARG C 101 7.07 7.82 18.90
C ARG C 101 6.89 9.11 19.72
N LEU C 102 5.95 9.97 19.34
CA LEU C 102 5.81 11.29 19.99
C LEU C 102 5.25 11.14 21.42
N GLY C 103 4.57 10.04 21.75
CA GLY C 103 3.98 9.83 23.10
C GLY C 103 2.76 10.69 23.33
N VAL C 104 2.19 11.29 22.31
CA VAL C 104 0.96 12.14 22.40
C VAL C 104 -0.23 11.31 22.86
N ASN C 105 -1.20 11.98 23.48
CA ASN C 105 -2.45 11.32 23.93
C ASN C 105 -3.59 11.55 22.94
N SER C 106 -3.37 12.39 21.93
CA SER C 106 -4.37 12.70 20.92
C SER C 106 -3.70 13.15 19.66
N VAL C 107 -4.42 12.98 18.57
CA VAL C 107 -3.97 13.37 17.22
C VAL C 107 -5.16 13.77 16.38
N ALA C 108 -5.01 14.82 15.60
CA ALA C 108 -5.94 15.32 14.59
C ALA C 108 -5.51 14.82 13.23
N ILE C 109 -6.39 14.09 12.54
N ILE C 109 -6.38 14.13 12.50
CA ILE C 109 -6.06 13.39 11.26
CA ILE C 109 -5.96 13.40 11.27
C ILE C 109 -7.09 13.75 10.20
C ILE C 109 -7.03 13.59 10.20
N PRO C 110 -6.63 13.96 8.96
CA PRO C 110 -7.52 14.00 7.82
C PRO C 110 -7.52 12.65 7.08
N LEU C 111 -8.52 12.45 6.24
CA LEU C 111 -8.51 11.20 5.40
C LEU C 111 -7.59 11.45 4.20
N LEU C 112 -6.46 10.79 4.23
CA LEU C 112 -5.44 10.88 3.19
C LEU C 112 -6.01 10.44 1.84
N SER C 113 -5.52 11.07 0.81
CA SER C 113 -5.79 10.72 -0.61
C SER C 113 -7.26 10.86 -0.95
N THR C 114 -8.01 11.69 -0.21
CA THR C 114 -9.33 12.19 -0.67
C THR C 114 -9.06 13.60 -1.21
N GLY C 115 -10.07 14.25 -1.79
CA GLY C 115 -9.89 15.58 -2.43
C GLY C 115 -8.91 15.50 -3.60
N VAL C 116 -7.86 16.34 -3.58
CA VAL C 116 -6.95 16.62 -4.74
C VAL C 116 -6.25 15.33 -5.21
N TYR C 117 -5.89 14.44 -4.27
CA TYR C 117 -5.15 13.19 -4.55
C TYR C 117 -6.13 12.04 -4.80
N SER C 118 -7.44 12.29 -4.83
CA SER C 118 -8.44 11.20 -4.98
C SER C 118 -8.51 10.63 -6.41
N GLY C 119 -7.91 11.28 -7.37
CA GLY C 119 -8.09 10.85 -8.76
C GLY C 119 -9.54 10.92 -9.22
N GLY C 120 -10.36 11.75 -8.58
CA GLY C 120 -11.80 11.93 -8.89
C GLY C 120 -12.71 10.81 -8.41
N LYS C 121 -12.24 9.97 -7.49
CA LYS C 121 -13.03 8.85 -6.91
C LYS C 121 -13.34 9.16 -5.44
N ASP C 122 -14.48 8.66 -4.96
CA ASP C 122 -14.86 8.76 -3.52
C ASP C 122 -14.04 7.71 -2.78
N ARG C 123 -13.07 8.14 -1.94
CA ARG C 123 -12.20 7.18 -1.19
C ARG C 123 -12.44 7.21 0.32
N LEU C 124 -13.65 7.59 0.78
CA LEU C 124 -13.90 7.66 2.23
C LEU C 124 -13.64 6.31 2.87
N THR C 125 -14.33 5.26 2.41
CA THR C 125 -14.24 3.93 3.04
C THR C 125 -12.80 3.42 2.96
N GLN C 126 -12.19 3.54 1.78
CA GLN C 126 -10.82 3.03 1.60
C GLN C 126 -9.84 3.72 2.57
N SER C 127 -9.90 5.04 2.54
CA SER C 127 -8.98 5.85 3.36
C SER C 127 -9.26 5.54 4.84
N LEU C 128 -10.54 5.51 5.23
CA LEU C 128 -10.86 5.26 6.66
C LEU C 128 -10.47 3.86 7.11
N ASN C 129 -10.67 2.89 6.23
CA ASN C 129 -10.26 1.51 6.55
C ASN C 129 -8.75 1.46 6.81
N HIS C 130 -7.94 2.10 5.95
CA HIS C 130 -6.48 2.09 6.16
C HIS C 130 -6.14 2.87 7.45
N LEU C 131 -6.87 3.94 7.73
CA LEU C 131 -6.66 4.71 8.99
C LEU C 131 -6.86 3.81 10.20
N PHE C 132 -7.98 3.07 10.23
CA PHE C 132 -8.27 2.14 11.33
C PHE C 132 -7.22 1.03 11.41
N THR C 133 -6.84 0.41 10.28
CA THR C 133 -5.85 -0.68 10.26
C THR C 133 -4.56 -0.22 10.98
N ALA C 134 -4.12 1.02 10.74
CA ALA C 134 -2.89 1.57 11.32
C ALA C 134 -3.07 2.05 12.78
N MET C 135 -4.19 2.74 13.04
CA MET C 135 -4.38 3.46 14.33
C MET C 135 -5.01 2.55 15.39
N ASP C 136 -5.63 1.43 15.01
CA ASP C 136 -6.36 0.67 16.06
C ASP C 136 -5.42 0.21 17.16
N SER C 137 -4.14 -0.07 16.89
CA SER C 137 -3.20 -0.60 17.88
C SER C 137 -2.52 0.53 18.68
N THR C 138 -2.82 1.75 18.35
CA THR C 138 -2.35 2.94 19.11
C THR C 138 -3.34 3.27 20.24
N ASP C 139 -2.85 3.95 21.28
CA ASP C 139 -3.69 4.31 22.45
C ASP C 139 -3.94 5.81 22.45
N ALA C 140 -3.62 6.52 21.39
CA ALA C 140 -3.95 7.95 21.28
C ALA C 140 -5.43 8.11 20.99
N ASP C 141 -6.07 9.12 21.56
CA ASP C 141 -7.37 9.59 21.05
C ASP C 141 -7.21 10.08 19.61
N VAL C 142 -7.96 9.53 18.68
CA VAL C 142 -7.85 9.92 17.26
C VAL C 142 -9.06 10.76 16.93
N VAL C 143 -8.88 11.94 16.40
CA VAL C 143 -9.97 12.86 15.98
C VAL C 143 -9.84 13.07 14.49
N ILE C 144 -10.81 12.57 13.72
CA ILE C 144 -10.76 12.68 12.24
C ILE C 144 -11.45 13.97 11.83
N TYR C 145 -10.81 14.79 11.00
CA TYR C 145 -11.38 16.07 10.54
C TYR C 145 -11.89 15.93 9.13
N CYS C 146 -13.07 16.46 8.81
CA CYS C 146 -13.64 16.49 7.45
C CYS C 146 -14.33 17.85 7.21
N ARG C 147 -14.74 18.13 5.97
CA ARG C 147 -15.40 19.40 5.55
C ARG C 147 -16.85 19.16 5.14
N ASP C 148 -17.21 17.93 4.75
CA ASP C 148 -18.54 17.60 4.15
C ASP C 148 -19.47 16.92 5.16
N LYS C 149 -20.71 17.39 5.24
CA LYS C 149 -21.71 16.95 6.25
C LYS C 149 -22.07 15.47 6.03
N GLU C 150 -22.09 15.00 4.78
CA GLU C 150 -22.41 13.58 4.46
C GLU C 150 -21.20 12.71 4.83
N TRP C 151 -19.98 13.19 4.59
CA TRP C 151 -18.75 12.45 5.00
C TRP C 151 -18.72 12.36 6.51
N GLU C 152 -19.04 13.45 7.18
CA GLU C 152 -19.12 13.43 8.66
C GLU C 152 -20.06 12.29 9.12
N LYS C 153 -21.23 12.20 8.51
CA LYS C 153 -22.26 11.16 8.83
C LYS C 153 -21.69 9.75 8.60
N LYS C 154 -21.14 9.50 7.42
CA LYS C 154 -20.58 8.17 7.04
C LYS C 154 -19.43 7.79 8.00
N ILE C 155 -18.55 8.74 8.30
CA ILE C 155 -17.39 8.45 9.23
C ILE C 155 -17.92 8.15 10.62
N SER C 156 -18.88 8.95 11.09
CA SER C 156 -19.51 8.72 12.40
C SER C 156 -20.10 7.32 12.49
N GLU C 157 -20.84 6.89 11.46
CA GLU C 157 -21.52 5.56 11.44
C GLU C 157 -20.46 4.47 11.51
N ALA C 158 -19.37 4.64 10.77
CA ALA C 158 -18.31 3.61 10.70
C ALA C 158 -17.69 3.45 12.08
N ILE C 159 -17.45 4.55 12.77
CA ILE C 159 -16.80 4.52 14.10
C ILE C 159 -17.75 3.79 15.04
N GLN C 160 -19.02 4.19 15.04
CA GLN C 160 -20.03 3.71 16.02
C GLN C 160 -20.31 2.22 15.78
N MET C 161 -20.24 1.75 14.54
CA MET C 161 -20.49 0.33 14.16
C MET C 161 -19.63 -0.63 14.99
N ARG C 162 -18.38 -0.23 15.29
CA ARG C 162 -17.39 -1.14 15.95
C ARG C 162 -17.34 -1.05 17.49
N THR C 163 -18.04 -0.07 18.08
CA THR C 163 -18.08 0.18 19.55
C THR C 163 -19.02 -0.85 20.19
N PRO D 5 5.23 -19.16 42.73
CA PRO D 5 4.35 -19.57 41.62
C PRO D 5 4.90 -20.79 40.87
N SER D 6 4.04 -21.43 40.07
N SER D 6 4.05 -21.44 40.07
CA SER D 6 4.34 -22.62 39.22
CA SER D 6 4.38 -22.62 39.22
C SER D 6 4.02 -22.30 37.76
C SER D 6 4.01 -22.32 37.76
N TYR D 7 4.77 -22.88 36.81
CA TYR D 7 4.60 -22.62 35.37
C TYR D 7 4.37 -23.90 34.59
N ARG D 8 3.38 -23.86 33.72
CA ARG D 8 3.11 -24.92 32.73
C ARG D 8 2.77 -24.27 31.40
N VAL D 9 2.83 -25.04 30.32
CA VAL D 9 2.48 -24.57 28.98
C VAL D 9 1.51 -25.59 28.41
N LYS D 10 0.48 -25.08 27.71
CA LYS D 10 -0.50 -25.89 26.98
C LYS D 10 -0.62 -25.36 25.56
N ARG D 11 -0.66 -26.25 24.57
CA ARG D 11 -0.92 -25.88 23.17
C ARG D 11 -2.40 -26.09 22.96
N MET D 12 -3.18 -25.04 23.17
CA MET D 12 -4.64 -25.10 22.98
C MET D 12 -5.17 -23.68 23.07
N ASP D 13 -6.42 -23.53 22.68
CA ASP D 13 -7.13 -22.24 22.60
C ASP D 13 -7.33 -21.76 24.04
N ILE D 14 -6.78 -20.60 24.39
CA ILE D 14 -6.85 -20.04 25.76
C ILE D 14 -8.33 -19.82 26.13
N ALA D 15 -9.19 -19.70 25.14
CA ALA D 15 -10.64 -19.50 25.37
C ALA D 15 -11.21 -20.77 26.04
N LYS D 16 -10.47 -21.86 26.07
CA LYS D 16 -10.90 -23.15 26.68
C LYS D 16 -10.01 -23.50 27.86
N ASN D 17 -9.43 -22.50 28.51
CA ASN D 17 -8.50 -22.72 29.64
C ASN D 17 -9.21 -23.32 30.87
N ASP D 18 -8.44 -23.96 31.72
CA ASP D 18 -8.92 -24.66 32.94
C ASP D 18 -8.43 -23.88 34.16
N GLU D 19 -8.31 -22.56 34.05
CA GLU D 19 -7.81 -21.74 35.16
C GLU D 19 -8.89 -20.80 35.69
N GLU D 20 -8.59 -20.15 36.80
CA GLU D 20 -9.62 -19.32 37.51
C GLU D 20 -9.82 -17.96 36.83
N CYS D 21 -8.91 -17.54 35.94
CA CYS D 21 -9.04 -16.27 35.23
C CYS D 21 -8.18 -16.33 33.98
N VAL D 22 -8.44 -15.41 33.07
CA VAL D 22 -7.72 -15.38 31.80
C VAL D 22 -7.15 -13.99 31.58
N VAL D 23 -5.99 -13.98 30.92
CA VAL D 23 -5.41 -12.71 30.41
C VAL D 23 -5.68 -12.63 28.91
N ASN D 24 -6.27 -11.55 28.50
CA ASN D 24 -6.50 -11.26 27.09
C ASN D 24 -5.28 -10.52 26.54
N ALA D 25 -4.82 -10.90 25.36
CA ALA D 25 -3.87 -10.06 24.57
C ALA D 25 -4.69 -9.01 23.84
N ALA D 26 -5.03 -7.96 24.58
CA ALA D 26 -6.00 -6.94 24.17
C ALA D 26 -5.40 -5.87 23.29
N ASN D 27 -6.25 -5.17 22.57
CA ASN D 27 -5.85 -3.90 21.91
C ASN D 27 -6.25 -2.77 22.83
N PRO D 28 -5.70 -1.57 22.63
CA PRO D 28 -5.99 -0.47 23.55
C PRO D 28 -7.44 0.01 23.48
N ARG D 29 -8.16 -0.32 22.41
CA ARG D 29 -9.49 0.29 22.10
C ARG D 29 -10.59 -0.65 22.59
N GLY D 30 -10.26 -1.81 23.11
CA GLY D 30 -11.29 -2.79 23.51
C GLY D 30 -12.06 -3.30 22.32
N LEU D 31 -11.46 -3.35 21.12
CA LEU D 31 -12.07 -3.94 19.93
C LEU D 31 -11.93 -5.46 19.98
N PRO D 32 -12.80 -6.19 19.26
CA PRO D 32 -12.72 -7.64 19.18
C PRO D 32 -11.37 -8.16 18.66
N GLY D 33 -10.79 -7.44 17.69
CA GLY D 33 -9.43 -7.75 17.21
C GLY D 33 -9.40 -9.04 16.42
N ASP D 34 -8.29 -9.76 16.51
CA ASP D 34 -8.06 -11.06 15.84
C ASP D 34 -7.16 -11.93 16.73
N GLY D 35 -6.92 -13.18 16.34
CA GLY D 35 -6.14 -14.12 17.16
C GLY D 35 -6.76 -14.32 18.53
N VAL D 36 -5.92 -14.32 19.55
CA VAL D 36 -6.32 -14.54 20.98
C VAL D 36 -7.46 -13.58 21.31
N CYS D 37 -7.32 -12.30 20.99
CA CYS D 37 -8.31 -11.27 21.36
C CYS D 37 -9.69 -11.65 20.82
N LYS D 38 -9.76 -12.10 19.57
CA LYS D 38 -11.06 -12.45 18.92
C LYS D 38 -11.66 -13.68 19.62
N ALA D 39 -10.83 -14.68 19.94
CA ALA D 39 -11.30 -15.91 20.65
C ALA D 39 -11.83 -15.52 22.04
N VAL D 40 -11.15 -14.59 22.72
CA VAL D 40 -11.57 -14.05 24.03
C VAL D 40 -12.90 -13.31 23.83
N TYR D 41 -13.04 -12.49 22.78
CA TYR D 41 -14.31 -11.79 22.48
C TYR D 41 -15.48 -12.77 22.25
N LYS D 42 -15.22 -13.86 21.54
CA LYS D 42 -16.27 -14.86 21.22
C LYS D 42 -16.68 -15.63 22.48
N LYS D 43 -15.75 -15.87 23.40
CA LYS D 43 -16.03 -16.66 24.64
C LYS D 43 -16.59 -15.78 25.76
N TRP D 44 -16.07 -14.57 25.96
CA TRP D 44 -16.42 -13.68 27.07
C TRP D 44 -16.73 -12.29 26.54
N PRO D 45 -17.71 -12.11 25.62
CA PRO D 45 -17.98 -10.80 25.04
C PRO D 45 -18.34 -9.74 26.10
N GLU D 46 -19.00 -10.13 27.19
CA GLU D 46 -19.43 -9.17 28.20
C GLU D 46 -18.25 -8.52 28.88
N SER D 47 -17.06 -9.16 28.77
CA SER D 47 -15.84 -8.62 29.41
C SER D 47 -15.26 -7.47 28.61
N PHE D 48 -15.82 -7.14 27.45
CA PHE D 48 -15.31 -5.98 26.68
C PHE D 48 -16.08 -4.69 26.96
N LYS D 49 -16.98 -4.70 27.96
CA LYS D 49 -17.63 -3.47 28.42
C LYS D 49 -16.58 -2.59 29.06
N ASN D 50 -16.27 -1.45 28.42
CA ASN D 50 -15.28 -0.49 28.96
C ASN D 50 -13.95 -1.21 29.24
N SER D 51 -13.48 -2.05 28.33
CA SER D 51 -12.16 -2.70 28.52
C SER D 51 -11.03 -1.87 27.92
N ALA D 52 -11.33 -0.83 27.18
CA ALA D 52 -10.28 0.02 26.57
C ALA D 52 -9.33 0.44 27.68
N THR D 53 -8.01 0.41 27.42
CA THR D 53 -6.99 0.77 28.41
C THR D 53 -5.69 1.04 27.66
N PRO D 54 -4.80 1.89 28.19
CA PRO D 54 -3.65 2.25 27.38
C PRO D 54 -2.64 1.09 27.28
N VAL D 55 -1.73 1.26 26.31
CA VAL D 55 -0.58 0.34 26.19
C VAL D 55 0.18 0.25 27.50
N GLY D 56 0.64 -0.93 27.86
CA GLY D 56 1.44 -1.15 29.08
C GLY D 56 0.59 -1.24 30.32
N THR D 57 -0.75 -1.31 30.18
CA THR D 57 -1.68 -1.46 31.31
C THR D 57 -2.51 -2.74 31.21
N ALA D 58 -3.09 -3.11 32.35
CA ALA D 58 -4.09 -4.20 32.40
C ALA D 58 -5.40 -3.68 33.02
N LYS D 59 -6.51 -4.12 32.47
CA LYS D 59 -7.83 -3.75 33.02
C LYS D 59 -8.67 -5.01 33.09
N THR D 60 -9.14 -5.30 34.31
CA THR D 60 -9.93 -6.52 34.55
C THR D 60 -11.41 -6.18 34.40
N VAL D 61 -12.12 -6.96 33.60
CA VAL D 61 -13.59 -6.89 33.51
C VAL D 61 -14.11 -8.30 33.72
N MET D 62 -15.14 -8.41 34.57
N MET D 62 -15.10 -8.43 34.61
CA MET D 62 -15.84 -9.68 34.83
CA MET D 62 -15.75 -9.73 34.92
C MET D 62 -16.69 -10.11 33.64
C MET D 62 -16.71 -10.11 33.79
N CYS D 63 -16.71 -11.40 33.43
CA CYS D 63 -17.74 -12.02 32.60
C CYS D 63 -18.46 -12.97 33.56
N GLY D 64 -19.63 -12.56 34.07
CA GLY D 64 -20.20 -13.33 35.19
C GLY D 64 -19.33 -13.11 36.38
N THR D 65 -18.77 -14.19 36.95
CA THR D 65 -17.79 -14.11 38.05
C THR D 65 -16.37 -14.44 37.54
N TYR D 66 -16.21 -14.62 36.23
CA TYR D 66 -14.92 -15.06 35.65
C TYR D 66 -14.13 -13.81 35.24
N PRO D 67 -12.94 -13.54 35.83
CA PRO D 67 -12.20 -12.33 35.49
C PRO D 67 -11.43 -12.45 34.17
N VAL D 68 -11.59 -11.43 33.35
CA VAL D 68 -10.84 -11.30 32.06
C VAL D 68 -9.92 -10.10 32.27
N ILE D 69 -8.61 -10.37 32.32
CA ILE D 69 -7.59 -9.32 32.57
C ILE D 69 -7.09 -8.86 31.20
N HIS D 70 -7.59 -7.75 30.70
CA HIS D 70 -7.22 -7.24 29.37
C HIS D 70 -5.84 -6.57 29.49
N ALA D 71 -4.80 -7.19 28.94
CA ALA D 71 -3.42 -6.66 29.05
C ALA D 71 -3.00 -6.16 27.68
N VAL D 72 -2.62 -4.90 27.61
CA VAL D 72 -2.28 -4.31 26.29
C VAL D 72 -0.76 -4.24 26.12
N GLY D 73 -0.22 -5.20 25.41
CA GLY D 73 1.20 -5.14 25.05
C GLY D 73 1.36 -4.16 23.92
N PRO D 74 2.61 -3.67 23.73
CA PRO D 74 2.88 -2.78 22.63
C PRO D 74 2.89 -3.48 21.28
N ASN D 75 2.50 -2.75 20.26
CA ASN D 75 2.64 -3.19 18.85
C ASN D 75 4.04 -2.74 18.43
N PHE D 76 4.92 -3.71 18.24
CA PHE D 76 6.29 -3.38 17.76
C PHE D 76 6.37 -2.82 16.34
N SER D 77 5.29 -2.86 15.56
CA SER D 77 5.19 -2.09 14.30
C SER D 77 5.21 -0.59 14.59
N ASN D 78 4.75 -0.17 15.78
CA ASN D 78 4.62 1.27 16.11
C ASN D 78 5.70 1.73 17.07
N TYR D 79 6.08 0.87 18.02
CA TYR D 79 7.06 1.18 19.09
C TYR D 79 8.47 0.81 18.60
N THR D 80 9.45 1.59 19.02
CA THR D 80 10.88 1.22 18.92
C THR D 80 11.14 0.01 19.82
N GLU D 81 12.24 -0.72 19.57
CA GLU D 81 12.61 -1.84 20.43
C GLU D 81 12.72 -1.35 21.86
N SER D 82 13.39 -0.21 22.08
CA SER D 82 13.60 0.34 23.42
C SER D 82 12.24 0.61 24.10
N GLU D 83 11.42 1.43 23.48
CA GLU D 83 10.17 1.88 24.18
C GLU D 83 9.24 0.67 24.34
N GLY D 84 9.15 -0.15 23.32
CA GLY D 84 8.33 -1.39 23.33
C GLY D 84 8.76 -2.32 24.45
N ASP D 85 10.05 -2.50 24.65
CA ASP D 85 10.52 -3.40 25.71
C ASP D 85 9.98 -2.96 27.06
N ARG D 86 10.02 -1.65 27.33
CA ARG D 86 9.53 -1.05 28.59
C ARG D 86 8.03 -1.34 28.70
N GLU D 87 7.27 -1.09 27.63
CA GLU D 87 5.78 -1.23 27.65
C GLU D 87 5.42 -2.72 27.83
N LEU D 88 6.17 -3.65 27.25
CA LEU D 88 5.89 -5.09 27.38
C LEU D 88 6.11 -5.49 28.84
N ALA D 89 7.23 -5.08 29.44
CA ALA D 89 7.49 -5.31 30.86
C ALA D 89 6.34 -4.75 31.71
N ALA D 90 5.91 -3.53 31.41
CA ALA D 90 4.84 -2.87 32.22
C ALA D 90 3.54 -3.67 32.10
N ALA D 91 3.17 -4.12 30.90
CA ALA D 91 1.88 -4.85 30.70
C ALA D 91 1.89 -6.08 31.60
N TYR D 92 2.96 -6.84 31.61
CA TYR D 92 3.07 -8.01 32.48
C TYR D 92 3.05 -7.66 33.98
N ARG D 93 3.79 -6.62 34.38
CA ARG D 93 3.77 -6.11 35.78
C ARG D 93 2.31 -5.84 36.20
N GLU D 94 1.53 -5.20 35.34
CA GLU D 94 0.12 -4.83 35.65
C GLU D 94 -0.75 -6.10 35.67
N VAL D 95 -0.51 -7.09 34.81
CA VAL D 95 -1.17 -8.41 34.94
C VAL D 95 -0.88 -9.00 36.33
N ALA D 96 0.38 -9.03 36.76
CA ALA D 96 0.76 -9.66 38.05
C ALA D 96 0.02 -8.99 39.20
N LYS D 97 -0.08 -7.66 39.17
CA LYS D 97 -0.75 -6.87 40.25
C LYS D 97 -2.23 -7.27 40.28
N GLU D 98 -2.85 -7.47 39.12
CA GLU D 98 -4.27 -7.88 39.05
C GLU D 98 -4.45 -9.32 39.53
N VAL D 99 -3.60 -10.24 39.14
CA VAL D 99 -3.67 -11.64 39.60
C VAL D 99 -3.59 -11.65 41.14
N THR D 100 -2.65 -10.92 41.73
CA THR D 100 -2.52 -10.82 43.20
C THR D 100 -3.81 -10.24 43.79
N ARG D 101 -4.28 -9.13 43.24
CA ARG D 101 -5.45 -8.40 43.81
C ARG D 101 -6.69 -9.31 43.77
N LEU D 102 -6.88 -10.09 42.70
CA LEU D 102 -8.06 -10.99 42.55
C LEU D 102 -7.96 -12.17 43.52
N GLY D 103 -6.77 -12.53 43.99
CA GLY D 103 -6.54 -13.67 44.89
C GLY D 103 -6.87 -14.99 44.26
N VAL D 104 -6.83 -15.09 42.94
CA VAL D 104 -7.01 -16.36 42.21
C VAL D 104 -5.85 -17.31 42.52
N ASN D 105 -6.10 -18.60 42.34
CA ASN D 105 -5.10 -19.68 42.52
C ASN D 105 -4.41 -19.95 41.20
N SER D 106 -5.00 -19.56 40.08
CA SER D 106 -4.43 -19.88 38.75
C SER D 106 -4.83 -18.84 37.73
N VAL D 107 -4.03 -18.75 36.68
CA VAL D 107 -4.23 -17.76 35.59
C VAL D 107 -3.77 -18.37 34.30
N ALA D 108 -4.57 -18.23 33.25
CA ALA D 108 -4.27 -18.60 31.86
C ALA D 108 -3.71 -17.35 31.17
N ILE D 109 -2.55 -17.46 30.53
N ILE D 109 -2.51 -17.44 30.59
CA ILE D 109 -1.83 -16.25 30.02
CA ILE D 109 -1.81 -16.27 30.02
C ILE D 109 -1.21 -16.55 28.67
C ILE D 109 -1.27 -16.59 28.63
N PRO D 110 -1.41 -15.65 27.66
CA PRO D 110 -0.77 -15.79 26.37
C PRO D 110 0.54 -14.98 26.40
N LEU D 111 1.41 -15.22 25.42
CA LEU D 111 2.65 -14.40 25.29
C LEU D 111 2.29 -13.11 24.55
N LEU D 112 2.27 -12.01 25.31
CA LEU D 112 1.91 -10.68 24.77
C LEU D 112 2.91 -10.23 23.72
N SER D 113 2.42 -9.56 22.72
CA SER D 113 3.23 -8.90 21.66
C SER D 113 3.95 -9.92 20.77
N THR D 114 3.53 -11.19 20.74
CA THR D 114 4.21 -12.29 19.96
C THR D 114 3.53 -12.67 18.65
N GLY D 115 2.42 -12.06 18.30
CA GLY D 115 1.64 -12.34 17.09
C GLY D 115 1.62 -11.14 16.16
N VAL D 116 0.45 -10.58 15.84
CA VAL D 116 0.35 -9.40 14.95
C VAL D 116 0.98 -8.15 15.61
N TYR D 117 1.31 -8.17 16.89
CA TYR D 117 2.02 -7.03 17.55
C TYR D 117 3.54 -7.27 17.57
N SER D 118 4.03 -8.31 16.92
CA SER D 118 5.48 -8.67 17.03
C SER D 118 6.34 -7.82 16.10
N GLY D 119 5.76 -7.04 15.18
CA GLY D 119 6.51 -6.28 14.18
C GLY D 119 7.31 -7.23 13.30
N GLY D 120 6.80 -8.45 13.10
CA GLY D 120 7.42 -9.46 12.21
C GLY D 120 8.69 -10.11 12.78
N LYS D 121 8.90 -9.99 14.09
CA LYS D 121 10.08 -10.55 14.78
C LYS D 121 9.64 -11.67 15.72
N ASP D 122 10.51 -12.65 15.92
CA ASP D 122 10.26 -13.76 16.87
C ASP D 122 10.53 -13.21 18.26
N ARG D 123 9.47 -13.06 19.06
CA ARG D 123 9.56 -12.46 20.41
C ARG D 123 9.21 -13.45 21.52
N LEU D 124 9.31 -14.75 21.26
CA LEU D 124 8.98 -15.78 22.29
C LEU D 124 9.83 -15.53 23.52
N THR D 125 11.18 -15.49 23.38
CA THR D 125 12.09 -15.38 24.54
C THR D 125 11.88 -14.04 25.27
N GLN D 126 11.76 -12.96 24.52
CA GLN D 126 11.58 -11.62 25.14
C GLN D 126 10.27 -11.62 25.94
N SER D 127 9.19 -12.04 25.30
CA SER D 127 7.85 -12.01 25.95
C SER D 127 7.82 -12.91 27.20
N LEU D 128 8.35 -14.12 27.09
CA LEU D 128 8.41 -15.10 28.18
C LEU D 128 9.27 -14.57 29.30
N ASN D 129 10.38 -13.88 28.97
CA ASN D 129 11.25 -13.33 30.03
C ASN D 129 10.53 -12.28 30.88
N HIS D 130 9.81 -11.35 30.27
CA HIS D 130 9.00 -10.35 30.99
C HIS D 130 7.86 -11.04 31.80
N LEU D 131 7.25 -12.06 31.21
CA LEU D 131 6.19 -12.88 31.89
C LEU D 131 6.76 -13.44 33.18
N PHE D 132 7.91 -14.12 33.11
CA PHE D 132 8.49 -14.76 34.32
C PHE D 132 8.81 -13.68 35.34
N THR D 133 9.42 -12.57 34.90
CA THR D 133 9.84 -11.52 35.85
C THR D 133 8.63 -10.98 36.60
N ALA D 134 7.52 -10.74 35.88
CA ALA D 134 6.30 -10.21 36.53
C ALA D 134 5.67 -11.28 37.41
N MET D 135 5.46 -12.46 36.86
CA MET D 135 4.57 -13.46 37.52
C MET D 135 5.32 -14.16 38.66
N ASP D 136 6.66 -14.07 38.69
CA ASP D 136 7.41 -14.62 39.85
C ASP D 136 6.98 -13.91 41.14
N SER D 137 6.39 -12.71 41.05
CA SER D 137 5.99 -11.90 42.23
C SER D 137 4.65 -12.43 42.76
N THR D 138 3.99 -13.35 42.06
CA THR D 138 2.70 -13.92 42.52
C THR D 138 2.94 -15.30 43.09
N ASP D 139 1.90 -15.90 43.67
CA ASP D 139 1.97 -17.31 44.13
C ASP D 139 0.95 -18.15 43.35
N ALA D 140 0.44 -17.61 42.24
CA ALA D 140 -0.54 -18.30 41.39
C ALA D 140 0.14 -19.38 40.56
N ASP D 141 -0.61 -20.42 40.21
CA ASP D 141 -0.27 -21.36 39.14
C ASP D 141 -0.51 -20.65 37.81
N VAL D 142 0.53 -20.53 37.02
CA VAL D 142 0.49 -19.84 35.72
C VAL D 142 0.49 -20.89 34.64
N VAL D 143 -0.46 -20.83 33.73
CA VAL D 143 -0.55 -21.71 32.56
C VAL D 143 -0.47 -20.83 31.31
N ILE D 144 0.62 -21.00 30.56
CA ILE D 144 0.89 -20.26 29.32
C ILE D 144 0.26 -21.01 28.16
N TYR D 145 -0.52 -20.33 27.34
CA TYR D 145 -1.22 -20.92 26.18
C TYR D 145 -0.52 -20.45 24.91
N CYS D 146 -0.27 -21.39 23.99
CA CYS D 146 0.35 -21.15 22.66
C CYS D 146 -0.33 -22.05 21.64
N ARG D 147 -0.13 -21.82 20.35
CA ARG D 147 -0.83 -22.58 19.29
C ARG D 147 0.14 -23.41 18.45
N ASP D 148 1.43 -23.27 18.69
CA ASP D 148 2.47 -23.84 17.78
C ASP D 148 3.31 -24.88 18.54
N LYS D 149 3.58 -26.04 17.94
CA LYS D 149 4.33 -27.14 18.63
C LYS D 149 5.76 -26.72 18.95
N GLU D 150 6.44 -25.98 18.05
CA GLU D 150 7.85 -25.57 18.31
C GLU D 150 7.86 -24.55 19.45
N TRP D 151 6.89 -23.63 19.47
CA TRP D 151 6.73 -22.64 20.56
C TRP D 151 6.41 -23.37 21.86
N GLU D 152 5.50 -24.35 21.81
CA GLU D 152 5.20 -25.19 22.99
C GLU D 152 6.51 -25.78 23.52
N LYS D 153 7.32 -26.38 22.65
CA LYS D 153 8.58 -27.03 23.07
C LYS D 153 9.56 -26.00 23.61
N LYS D 154 9.70 -24.88 22.90
CA LYS D 154 10.58 -23.76 23.32
C LYS D 154 10.10 -23.24 24.68
N ILE D 155 8.79 -22.97 24.83
CA ILE D 155 8.28 -22.45 26.14
C ILE D 155 8.56 -23.50 27.23
N SER D 156 8.24 -24.76 26.95
CA SER D 156 8.48 -25.85 27.92
C SER D 156 9.96 -25.90 28.32
N GLU D 157 10.85 -25.83 27.35
CA GLU D 157 12.30 -25.84 27.67
C GLU D 157 12.64 -24.63 28.52
N ALA D 158 12.12 -23.46 28.14
CA ALA D 158 12.38 -22.23 28.92
C ALA D 158 11.96 -22.45 30.37
N ILE D 159 10.82 -23.13 30.61
CA ILE D 159 10.34 -23.37 32.00
C ILE D 159 11.31 -24.33 32.71
N GLN D 160 11.79 -25.36 32.04
CA GLN D 160 12.60 -26.42 32.68
C GLN D 160 13.94 -25.85 33.24
N MET D 161 14.57 -24.97 32.47
CA MET D 161 15.94 -24.43 32.77
C MET D 161 15.90 -23.62 34.09
N ARG D 162 14.83 -22.85 34.32
CA ARG D 162 14.75 -21.92 35.48
C ARG D 162 14.82 -22.66 36.82
N THR D 163 14.52 -23.96 36.79
CA THR D 163 14.55 -24.89 37.95
C THR D 163 16.01 -25.27 38.25
S DMS E . 5.52 -5.39 -4.16
O DMS E . 4.29 -6.04 -3.44
C1 DMS E . 5.32 -5.67 -5.85
C2 DMS E . 6.91 -6.50 -3.91
S DMS F . -0.71 -22.08 -13.26
O DMS F . 0.04 -20.96 -12.64
C1 DMS F . -2.22 -22.23 -12.37
C2 DMS F . 0.08 -23.57 -12.69
S DMS G . 1.40 -18.94 -24.84
O DMS G . 0.01 -18.92 -24.27
C1 DMS G . 1.43 -17.70 -26.09
C2 DMS G . 1.47 -20.34 -25.91
C TRS H . -16.88 -27.82 -9.46
C1 TRS H . -17.29 -26.56 -10.25
C2 TRS H . -16.52 -27.49 -8.01
C3 TRS H . -18.00 -28.86 -9.52
N TRS H . -15.63 -28.38 -10.11
O1 TRS H . -17.68 -26.84 -11.60
O2 TRS H . -17.59 -26.93 -7.27
O3 TRS H . -17.52 -30.19 -9.36
S DMS I . -14.55 -10.67 -0.11
O DMS I . -14.52 -9.75 -1.33
C1 DMS I . -12.87 -11.15 0.19
C2 DMS I . -15.13 -12.26 -0.65
S DMS J . -0.86 -18.24 -18.09
O DMS J . -1.89 -18.39 -16.96
C1 DMS J . 0.65 -17.72 -17.32
C2 DMS J . -1.28 -16.71 -18.93
S DMS K . -7.31 -4.02 -27.90
O DMS K . -7.41 -2.95 -26.90
C1 DMS K . -6.05 -3.50 -29.05
C2 DMS K . -8.73 -3.94 -28.95
CL CL L . -2.56 -21.61 -17.20
CL CL M . 0.05 -14.93 -23.91
CL CL N . 5.73 -5.89 -18.41
N1 GT4 O . -15.68 -3.72 -3.74
C4 GT4 O . -14.85 -2.85 -4.50
C5 GT4 O . -15.40 -1.86 -5.28
C6 GT4 O . -14.58 -0.95 -5.95
C7 GT4 O . -13.20 -1.07 -5.86
C8 GT4 O . -12.65 -2.07 -5.07
C1 GT4 O . -18.68 -6.01 -2.28
O1 GT4 O . -17.65 -5.12 -2.74
C2 GT4 O . -16.49 -5.17 -1.93
C3 GT4 O . -15.45 -4.24 -2.50
O2 GT4 O . -14.45 -3.99 -1.84
C9 GT4 O . -13.47 -2.96 -4.41
O3 GT4 O . -12.37 -0.22 -6.54
S DMS P . 5.67 -6.37 -23.25
O DMS P . 5.50 -7.65 -22.43
C1 DMS P . 5.50 -5.11 -21.99
C2 DMS P . 7.43 -6.16 -23.53
S DMS Q . -2.00 -3.52 2.85
O DMS Q . -2.22 -2.76 1.55
C1 DMS Q . -0.27 -3.88 2.96
C2 DMS Q . -2.53 -5.20 2.59
S DMS R . 19.59 9.31 -16.29
O DMS R . 18.33 9.68 -17.01
C1 DMS R . 19.22 7.85 -15.36
C2 DMS R . 19.72 10.43 -14.91
S DMS S . 19.24 4.07 -20.53
O DMS S . 18.06 3.62 -21.35
C1 DMS S . 19.71 5.65 -21.17
C2 DMS S . 20.63 3.15 -21.14
S DMS T . 24.63 11.30 -11.45
O DMS T . 23.78 11.81 -12.58
C1 DMS T . 24.26 12.30 -10.05
C2 DMS T . 26.28 11.88 -11.76
CL CL U . 20.54 12.82 -10.62
CL CL V . 21.54 8.38 -19.35
N1 GT4 W . -2.54 15.25 -25.98
C4 GT4 W . -2.75 15.46 -24.59
C5 GT4 W . -3.17 16.69 -24.10
C6 GT4 W . -3.39 16.87 -22.75
C7 GT4 W . -3.20 15.81 -21.87
C8 GT4 W . -2.78 14.59 -22.35
C1 GT4 W . -2.25 16.01 -29.85
O1 GT4 W . -2.71 15.76 -28.52
C2 GT4 W . -2.81 14.38 -28.25
C3 GT4 W . -2.98 14.22 -26.75
O2 GT4 W . -3.47 13.20 -26.30
C9 GT4 W . -2.56 14.40 -23.70
O3 GT4 W . -3.41 15.97 -20.53
CL CL X . -14.70 15.96 3.61
CL CL Y . 8.37 10.28 -3.61
S DMS Z . -1.22 32.09 12.12
O DMS Z . -0.02 31.17 12.17
C1 DMS Z . -2.65 31.09 12.24
C2 DMS Z . -1.43 32.64 10.44
S DMS AA . -1.33 19.34 -1.38
O DMS AA . -2.79 19.46 -1.72
C1 DMS AA . -0.48 19.38 -2.94
C2 DMS AA . -1.05 17.63 -0.97
N1 GT4 BA . -12.36 21.19 7.06
C4 GT4 BA . -11.36 20.31 6.57
C5 GT4 BA . -11.09 19.14 7.26
C6 GT4 BA . -10.20 18.22 6.74
C7 GT4 BA . -9.60 18.43 5.51
C8 GT4 BA . -9.85 19.62 4.83
C1 GT4 BA . -15.90 22.66 8.12
O1 GT4 BA . -14.59 22.19 7.88
C2 GT4 BA . -13.79 23.15 7.21
C3 GT4 BA . -12.47 22.51 6.84
O2 GT4 BA . -11.56 23.21 6.38
C9 GT4 BA . -10.72 20.54 5.36
O3 GT4 BA . -8.79 17.48 4.98
S DMS CA . -14.68 14.95 -0.58
O DMS CA . -15.57 15.81 0.28
C1 DMS CA . -13.11 14.94 0.24
C2 DMS CA . -14.22 15.95 -1.97
S DMS DA . -15.87 12.19 -4.45
O DMS DA . -14.76 12.84 -5.21
C1 DMS DA . -16.67 13.46 -3.51
C2 DMS DA . -17.18 11.89 -5.62
S DMS EA . -0.44 -13.62 20.23
O DMS EA . -1.69 -13.56 19.39
C1 DMS EA . -0.37 -15.28 20.89
C2 DMS EA . -0.81 -12.77 21.74
S DMS FA . -19.69 -19.20 23.70
O DMS FA . -18.22 -19.62 23.61
C1 DMS FA . -20.08 -18.40 22.16
C2 DMS FA . -19.84 -17.77 24.79
S DMS GA . -4.19 -7.92 18.56
O DMS GA . -5.64 -7.66 18.95
C1 DMS GA . -4.14 -9.60 18.02
C2 DMS GA . -3.26 -8.09 20.06
S DMS HA . -12.96 -5.71 38.80
O DMS HA . -12.19 -6.98 39.07
C1 DMS HA . -13.87 -5.97 37.31
C2 DMS HA . -11.78 -4.52 38.18
CL CL IA . 0.07 -10.11 19.75
N1 GT4 JA . -11.65 -12.70 42.68
C4 GT4 JA . -11.69 -14.07 42.27
C5 GT4 JA . -12.32 -14.40 41.06
C6 GT4 JA . -12.41 -15.71 40.66
C7 GT4 JA . -11.86 -16.73 41.43
C8 GT4 JA . -11.22 -16.41 42.62
C1 GT4 JA . -10.89 -9.24 44.58
O1 GT4 JA . -11.12 -10.43 43.81
C2 GT4 JA . -12.39 -10.43 43.21
C3 GT4 JA . -12.63 -11.79 42.56
O2 GT4 JA . -13.68 -11.97 41.96
C9 GT4 JA . -11.13 -15.09 43.04
O3 GT4 JA . -11.95 -18.02 41.00
#